data_4NH1
#
_entry.id   4NH1
#
_cell.length_a   210.537
_cell.length_b   57.441
_cell.length_c   139.394
_cell.angle_alpha   90.00
_cell.angle_beta   118.54
_cell.angle_gamma   90.00
#
_symmetry.space_group_name_H-M   'C 1 2 1'
#
loop_
_entity.id
_entity.type
_entity.pdbx_description
1 polymer 'Casein kinase II subunit alpha'
2 polymer 'Casein kinase II subunit beta'
3 non-polymer 'MAGNESIUM ION'
4 non-polymer 'PHOSPHOMETHYLPHOSPHONIC ACID ADENYLATE ESTER'
5 non-polymer GLYCEROL
6 non-polymer 'ZINC ION'
7 water water
#
loop_
_entity_poly.entity_id
_entity_poly.type
_entity_poly.pdbx_seq_one_letter_code
_entity_poly.pdbx_strand_id
1 'polypeptide(L)'
;MSGPVPSRARVYTDVNTHRPREYWDYESHVVEWGNQDDYQLVRKLGRGKYSEVFEAINITNNEKVVVKILKPVKKKKIKR
EIKILENLRGGPNIITLADIVKDPVSRTPALVFEHVNNTDFKQLYQTLTDYDIRFYMYEILKALDYCHSMGIMHRDVKPH
NVMIDHEHRKLRLIDWGLAEFYHPGQEYNVRVASRYFKGPELLVDYQMYDYSLDMWSLGCMLASMIFRKEPFFHGHDNYD
QLVRIAKVLGTEDLYDYIDKYNIELDPRFNDILGRHSRKRWERFVHSENQHLVSPEALDFLDKLLRYDHQSRLTAREAME
HPYFYTVVKDQARMG
;
A,B
2 'polypeptide(L)'
;MSSSEEVSWISWFCGLRGNEFFCEVDEDYIQDKFNLTGLNEQVPHYRQALDMILDLEPDEELEDNPNQSDLIEQAAEMLY
GLIHARYILTNRGIAQMLEKYQQGDFGYCPRVYCENQPMLPIGLSDIPGEAMVKLYCPKCMDVYTPKSSRHHHTDGAYFG
TGFPHILFMVHPEYRPKRPANQFVPRLYGFKIHPMAYQLQLQAASNFKSPVKTIR
;
C,D
#
loop_
_chem_comp.id
_chem_comp.type
_chem_comp.name
_chem_comp.formula
ACP non-polymer 'PHOSPHOMETHYLPHOSPHONIC ACID ADENYLATE ESTER' 'C11 H18 N5 O12 P3'
GOL non-polymer GLYCEROL 'C3 H8 O3'
MG non-polymer 'MAGNESIUM ION' 'Mg 2'
ZN non-polymer 'ZINC ION' 'Zn 2'
#
# COMPACT_ATOMS: atom_id res chain seq x y z
N GLY A 3 40.05 -23.07 -56.44
CA GLY A 3 39.66 -22.39 -55.22
C GLY A 3 40.71 -22.51 -54.13
N PRO A 4 40.30 -22.30 -52.87
CA PRO A 4 41.20 -22.38 -51.72
C PRO A 4 41.62 -23.81 -51.41
N VAL A 5 42.74 -23.97 -50.72
CA VAL A 5 43.24 -25.29 -50.36
C VAL A 5 42.63 -25.77 -49.05
N PRO A 6 42.04 -26.97 -49.07
CA PRO A 6 41.39 -27.57 -47.89
C PRO A 6 42.32 -27.67 -46.68
N SER A 7 41.74 -27.58 -45.48
CA SER A 7 42.50 -27.69 -44.25
C SER A 7 41.74 -28.47 -43.18
N ARG A 8 42.41 -29.42 -42.54
CA ARG A 8 41.78 -30.22 -41.49
C ARG A 8 42.60 -30.13 -40.20
N ALA A 9 41.94 -30.39 -39.07
CA ALA A 9 42.58 -30.28 -37.77
C ALA A 9 43.62 -31.38 -37.55
N ARG A 10 44.71 -31.03 -36.89
CA ARG A 10 45.77 -31.98 -36.58
C ARG A 10 45.37 -32.93 -35.45
N VAL A 11 44.78 -32.36 -34.40
CA VAL A 11 44.35 -33.15 -33.25
C VAL A 11 42.84 -33.16 -33.16
N TYR A 12 42.29 -34.31 -32.76
CA TYR A 12 40.84 -34.50 -32.66
C TYR A 12 40.16 -34.20 -34.00
N THR A 13 40.73 -34.71 -35.07
CA THR A 13 40.22 -34.46 -36.42
C THR A 13 38.89 -35.16 -36.65
N ASP A 14 38.83 -36.44 -36.31
CA ASP A 14 37.63 -37.23 -36.52
C ASP A 14 37.02 -37.66 -35.19
N VAL A 15 36.23 -36.77 -34.60
CA VAL A 15 35.55 -37.06 -33.34
C VAL A 15 34.03 -37.08 -33.54
N ASN A 16 33.54 -36.10 -34.30
CA ASN A 16 32.11 -35.98 -34.57
C ASN A 16 31.68 -36.88 -35.72
N THR A 17 32.66 -37.36 -36.49
CA THR A 17 32.37 -38.20 -37.65
C THR A 17 32.29 -39.69 -37.29
N HIS A 18 32.28 -39.99 -36.00
CA HIS A 18 32.13 -41.37 -35.54
C HIS A 18 31.18 -41.46 -34.35
N ARG A 19 31.09 -40.37 -33.59
CA ARG A 19 30.19 -40.28 -32.45
C ARG A 19 28.73 -40.41 -32.89
N PRO A 20 27.86 -40.90 -31.98
CA PRO A 20 26.43 -40.94 -32.25
C PRO A 20 25.89 -39.57 -32.66
N ARG A 21 24.90 -39.55 -33.54
CA ARG A 21 24.39 -38.30 -34.09
C ARG A 21 23.67 -37.47 -33.02
N GLU A 22 23.35 -38.10 -31.89
CA GLU A 22 22.72 -37.40 -30.78
C GLU A 22 23.77 -36.63 -29.98
N TYR A 23 24.69 -35.98 -30.69
CA TYR A 23 25.78 -35.26 -30.06
C TYR A 23 26.12 -33.99 -30.84
N TRP A 24 26.56 -34.17 -32.09
CA TRP A 24 26.93 -33.03 -32.93
C TRP A 24 25.71 -32.44 -33.63
N ASP A 25 24.60 -33.18 -33.65
CA ASP A 25 23.36 -32.68 -34.21
C ASP A 25 22.49 -32.08 -33.12
N TYR A 26 22.61 -30.77 -32.92
CA TYR A 26 21.91 -30.08 -31.84
C TYR A 26 20.49 -29.68 -32.23
N GLU A 27 20.19 -29.76 -33.53
CA GLU A 27 18.88 -29.34 -34.03
C GLU A 27 17.79 -30.33 -33.66
N SER A 28 18.15 -31.61 -33.57
CA SER A 28 17.19 -32.66 -33.23
C SER A 28 17.16 -32.91 -31.72
N HIS A 29 17.78 -32.01 -30.96
CA HIS A 29 17.84 -32.12 -29.52
C HIS A 29 16.60 -31.51 -28.86
N VAL A 30 16.21 -32.06 -27.72
CA VAL A 30 15.06 -31.54 -26.97
C VAL A 30 15.50 -30.97 -25.63
N VAL A 31 14.72 -30.04 -25.10
CA VAL A 31 15.09 -29.32 -23.89
C VAL A 31 14.36 -29.84 -22.65
N GLU A 32 15.10 -30.05 -21.58
CA GLU A 32 14.51 -30.43 -20.30
C GLU A 32 14.14 -29.19 -19.50
N TRP A 33 13.00 -28.59 -19.84
CA TRP A 33 12.56 -27.36 -19.18
C TRP A 33 12.08 -27.59 -17.74
N GLY A 34 12.82 -27.04 -16.79
CA GLY A 34 12.48 -27.14 -15.38
C GLY A 34 11.55 -26.04 -14.91
N ASN A 35 11.23 -26.05 -13.63
CA ASN A 35 10.35 -25.04 -13.03
C ASN A 35 11.04 -23.68 -12.95
N GLN A 36 10.44 -22.68 -13.60
CA GLN A 36 11.03 -21.34 -13.65
C GLN A 36 10.79 -20.54 -12.38
N ASP A 37 9.68 -20.83 -11.71
CA ASP A 37 9.27 -20.06 -10.53
C ASP A 37 10.25 -20.17 -9.37
N ASP A 38 11.27 -21.01 -9.53
CA ASP A 38 12.28 -21.22 -8.50
C ASP A 38 13.36 -20.14 -8.53
N TYR A 39 13.21 -19.18 -9.44
CA TYR A 39 14.24 -18.15 -9.63
C TYR A 39 13.67 -16.73 -9.56
N GLN A 40 14.36 -15.87 -8.81
CA GLN A 40 13.97 -14.47 -8.69
C GLN A 40 15.17 -13.56 -8.94
N LEU A 41 15.00 -12.59 -9.82
CA LEU A 41 16.08 -11.71 -10.23
C LEU A 41 16.52 -10.77 -9.10
N VAL A 42 17.81 -10.45 -9.06
CA VAL A 42 18.36 -9.59 -8.01
C VAL A 42 19.16 -8.42 -8.59
N ARG A 43 20.07 -8.74 -9.51
CA ARG A 43 20.99 -7.72 -10.03
C ARG A 43 21.46 -8.05 -11.44
N LYS A 44 21.51 -7.03 -12.29
CA LYS A 44 21.97 -7.19 -13.67
C LYS A 44 23.50 -7.26 -13.72
N LEU A 45 24.02 -8.40 -14.17
CA LEU A 45 25.46 -8.58 -14.29
C LEU A 45 25.97 -8.08 -15.63
N GLY A 46 25.10 -8.14 -16.64
CA GLY A 46 25.45 -7.67 -17.97
C GLY A 46 24.39 -8.01 -19.01
N ARG A 47 24.56 -7.48 -20.21
CA ARG A 47 23.65 -7.77 -21.32
C ARG A 47 24.29 -7.39 -22.65
N GLY A 48 23.85 -8.04 -23.72
CA GLY A 48 24.42 -7.81 -25.04
C GLY A 48 23.42 -7.91 -26.17
N LYS A 49 23.92 -8.26 -27.35
CA LYS A 49 23.09 -8.35 -28.55
C LYS A 49 22.16 -9.56 -28.53
N TYR A 50 22.63 -10.66 -27.95
CA TYR A 50 21.90 -11.92 -28.01
C TYR A 50 21.08 -12.21 -26.76
N SER A 51 21.54 -11.73 -25.60
CA SER A 51 20.89 -12.10 -24.36
C SER A 51 21.11 -11.10 -23.21
N GLU A 52 20.26 -11.20 -22.20
CA GLU A 52 20.42 -10.43 -20.97
C GLU A 52 20.83 -11.36 -19.83
N VAL A 53 21.73 -10.89 -18.97
CA VAL A 53 22.25 -11.71 -17.89
C VAL A 53 21.93 -11.10 -16.53
N PHE A 54 21.35 -11.89 -15.64
CA PHE A 54 20.98 -11.43 -14.32
C PHE A 54 21.59 -12.27 -13.20
N GLU A 55 21.83 -11.64 -12.06
CA GLU A 55 22.17 -12.36 -10.85
C GLU A 55 20.88 -12.66 -10.10
N ALA A 56 20.64 -13.94 -9.80
CA ALA A 56 19.39 -14.33 -9.17
C ALA A 56 19.61 -15.23 -7.97
N ILE A 57 18.56 -15.38 -7.17
CA ILE A 57 18.62 -16.27 -6.01
C ILE A 57 17.60 -17.39 -6.14
N ASN A 58 18.08 -18.62 -6.27
CA ASN A 58 17.21 -19.79 -6.32
C ASN A 58 16.57 -19.99 -4.96
N ILE A 59 15.29 -19.66 -4.86
CA ILE A 59 14.56 -19.63 -3.59
C ILE A 59 14.32 -21.02 -2.99
N THR A 60 14.75 -22.07 -3.69
CA THR A 60 14.56 -23.43 -3.22
C THR A 60 15.72 -23.85 -2.32
N ASN A 61 16.91 -23.37 -2.63
CA ASN A 61 18.10 -23.72 -1.86
C ASN A 61 18.84 -22.49 -1.31
N ASN A 62 18.28 -21.32 -1.58
CA ASN A 62 18.81 -20.04 -1.08
C ASN A 62 20.25 -19.78 -1.51
N GLU A 63 20.65 -20.33 -2.65
CA GLU A 63 21.98 -20.09 -3.20
C GLU A 63 21.94 -19.08 -4.33
N LYS A 64 23.09 -18.50 -4.66
CA LYS A 64 23.17 -17.51 -5.72
C LYS A 64 23.34 -18.16 -7.08
N VAL A 65 22.47 -17.80 -8.02
CA VAL A 65 22.48 -18.38 -9.36
C VAL A 65 22.44 -17.29 -10.43
N VAL A 66 23.25 -17.45 -11.47
CA VAL A 66 23.28 -16.49 -12.57
C VAL A 66 22.34 -16.91 -13.69
N VAL A 67 21.40 -16.02 -14.03
CA VAL A 67 20.41 -16.33 -15.06
C VAL A 67 20.73 -15.62 -16.38
N LYS A 68 20.85 -16.41 -17.44
CA LYS A 68 21.09 -15.88 -18.78
C LYS A 68 19.83 -16.03 -19.63
N ILE A 69 19.21 -14.91 -19.98
CA ILE A 69 17.95 -14.92 -20.69
C ILE A 69 18.14 -14.79 -22.20
N LEU A 70 17.97 -15.89 -22.91
CA LEU A 70 18.16 -15.92 -24.36
C LEU A 70 16.93 -15.40 -25.09
N LYS A 71 17.12 -14.37 -25.91
CA LYS A 71 16.05 -13.81 -26.73
C LYS A 71 15.84 -14.68 -27.96
N PRO A 72 14.61 -14.70 -28.51
CA PRO A 72 14.33 -15.51 -29.70
C PRO A 72 15.14 -15.10 -30.91
N VAL A 73 16.44 -15.38 -30.88
CA VAL A 73 17.33 -15.05 -31.99
C VAL A 73 17.17 -16.05 -33.14
N LYS A 74 17.73 -17.24 -32.96
CA LYS A 74 17.63 -18.30 -33.95
C LYS A 74 17.22 -19.60 -33.26
N LYS A 75 16.23 -20.28 -33.83
CA LYS A 75 15.70 -21.50 -33.23
C LYS A 75 16.67 -22.68 -33.29
N LYS A 76 17.84 -22.45 -33.87
CA LYS A 76 18.88 -23.47 -33.94
C LYS A 76 20.11 -23.04 -33.15
N LYS A 77 20.30 -21.74 -33.00
CA LYS A 77 21.40 -21.21 -32.21
C LYS A 77 21.18 -21.52 -30.73
N ILE A 78 19.93 -21.45 -30.29
CA ILE A 78 19.57 -21.77 -28.92
C ILE A 78 19.81 -23.25 -28.65
N LYS A 79 19.53 -24.07 -29.66
CA LYS A 79 19.73 -25.50 -29.56
C LYS A 79 21.21 -25.87 -29.56
N ARG A 80 22.04 -24.97 -30.10
CA ARG A 80 23.47 -25.22 -30.22
C ARG A 80 24.18 -25.05 -28.87
N GLU A 81 23.96 -23.89 -28.25
CA GLU A 81 24.59 -23.59 -26.97
C GLU A 81 24.09 -24.51 -25.86
N ILE A 82 22.84 -24.95 -25.98
CA ILE A 82 22.24 -25.77 -24.94
C ILE A 82 22.73 -27.22 -25.01
N LYS A 83 23.17 -27.65 -26.19
CA LYS A 83 23.68 -29.00 -26.37
C LYS A 83 25.15 -29.07 -25.97
N ILE A 84 25.89 -28.04 -26.36
CA ILE A 84 27.32 -27.94 -26.05
C ILE A 84 27.53 -27.82 -24.54
N LEU A 85 26.71 -26.99 -23.90
CA LEU A 85 26.79 -26.80 -22.45
C LEU A 85 26.55 -28.10 -21.70
N GLU A 86 25.72 -28.98 -22.26
CA GLU A 86 25.42 -30.27 -21.65
C GLU A 86 26.51 -31.30 -21.95
N ASN A 87 27.08 -31.22 -23.14
CA ASN A 87 28.15 -32.14 -23.54
C ASN A 87 29.45 -31.86 -22.80
N LEU A 88 29.68 -30.59 -22.49
CA LEU A 88 30.89 -30.18 -21.78
C LEU A 88 30.62 -30.07 -20.28
N ARG A 89 29.37 -30.31 -19.89
CA ARG A 89 28.96 -30.20 -18.49
C ARG A 89 29.75 -31.14 -17.59
N GLY A 90 30.37 -30.57 -16.56
CA GLY A 90 31.17 -31.35 -15.63
C GLY A 90 32.65 -31.31 -15.99
N GLY A 91 32.95 -30.72 -17.15
CA GLY A 91 34.31 -30.64 -17.63
C GLY A 91 35.18 -29.70 -16.81
N PRO A 92 36.50 -29.74 -17.03
CA PRO A 92 37.45 -28.89 -16.31
C PRO A 92 37.32 -27.42 -16.67
N ASN A 93 37.08 -26.58 -15.66
CA ASN A 93 36.96 -25.13 -15.83
C ASN A 93 35.83 -24.73 -16.78
N ILE A 94 34.92 -25.66 -17.05
CA ILE A 94 33.76 -25.38 -17.87
C ILE A 94 32.58 -24.94 -17.00
N ILE A 95 31.89 -23.89 -17.41
CA ILE A 95 30.76 -23.37 -16.65
C ILE A 95 29.66 -24.43 -16.59
N THR A 96 28.96 -24.48 -15.45
CA THR A 96 27.97 -25.53 -15.21
C THR A 96 26.55 -25.08 -15.51
N LEU A 97 25.93 -25.72 -16.49
CA LEU A 97 24.52 -25.49 -16.79
C LEU A 97 23.65 -26.25 -15.80
N ALA A 98 23.02 -25.51 -14.89
CA ALA A 98 22.21 -26.13 -13.84
C ALA A 98 20.84 -26.54 -14.34
N ASP A 99 20.09 -25.59 -14.88
CA ASP A 99 18.73 -25.84 -15.34
C ASP A 99 18.40 -24.97 -16.54
N ILE A 100 17.38 -25.35 -17.30
CA ILE A 100 16.99 -24.61 -18.50
C ILE A 100 15.51 -24.24 -18.46
N VAL A 101 15.21 -23.07 -17.89
CA VAL A 101 13.82 -22.64 -17.75
C VAL A 101 13.38 -21.74 -18.91
N LYS A 102 12.09 -21.46 -18.98
CA LYS A 102 11.53 -20.60 -20.02
C LYS A 102 10.26 -19.90 -19.54
N ASP A 103 10.00 -18.72 -20.10
CA ASP A 103 8.79 -17.98 -19.80
C ASP A 103 7.59 -18.62 -20.51
N PRO A 104 6.63 -19.13 -19.73
CA PRO A 104 5.48 -19.84 -20.30
C PRO A 104 4.60 -18.93 -21.16
N VAL A 105 4.76 -17.62 -21.01
CA VAL A 105 3.96 -16.66 -21.76
C VAL A 105 4.58 -16.31 -23.10
N SER A 106 5.86 -15.96 -23.09
CA SER A 106 6.53 -15.50 -24.31
C SER A 106 7.43 -16.56 -24.93
N ARG A 107 7.55 -17.71 -24.26
CA ARG A 107 8.36 -18.83 -24.75
C ARG A 107 9.84 -18.48 -24.90
N THR A 108 10.27 -17.41 -24.25
CA THR A 108 11.68 -17.02 -24.28
C THR A 108 12.48 -17.77 -23.23
N PRO A 109 13.38 -18.66 -23.68
CA PRO A 109 14.14 -19.53 -22.78
C PRO A 109 15.20 -18.77 -21.99
N ALA A 110 15.59 -19.31 -20.85
CA ALA A 110 16.61 -18.70 -20.01
C ALA A 110 17.51 -19.75 -19.38
N LEU A 111 18.82 -19.54 -19.47
CA LEU A 111 19.79 -20.47 -18.91
C LEU A 111 20.24 -20.01 -17.52
N VAL A 112 20.40 -20.95 -16.60
CA VAL A 112 20.94 -20.63 -15.29
C VAL A 112 22.26 -21.37 -15.06
N PHE A 113 23.22 -20.67 -14.46
CA PHE A 113 24.55 -21.24 -14.24
C PHE A 113 24.98 -21.12 -12.78
N GLU A 114 26.08 -21.78 -12.44
CA GLU A 114 26.69 -21.62 -11.13
C GLU A 114 27.25 -20.21 -11.00
N HIS A 115 27.30 -19.69 -9.78
CA HIS A 115 27.79 -18.33 -9.56
C HIS A 115 29.26 -18.31 -9.17
N VAL A 116 30.04 -17.52 -9.90
CA VAL A 116 31.45 -17.34 -9.60
C VAL A 116 31.73 -15.89 -9.23
N ASN A 117 32.03 -15.65 -7.95
CA ASN A 117 32.32 -14.30 -7.48
C ASN A 117 33.53 -13.72 -8.19
N ASN A 118 33.32 -13.26 -9.41
CA ASN A 118 34.40 -12.79 -10.27
C ASN A 118 34.97 -11.44 -9.85
N THR A 119 36.16 -11.46 -9.29
CA THR A 119 36.94 -10.24 -9.12
C THR A 119 37.28 -9.75 -10.53
N ASP A 120 36.51 -8.78 -11.00
CA ASP A 120 36.53 -8.35 -12.41
C ASP A 120 37.93 -8.05 -12.91
N PHE A 121 38.22 -8.48 -14.14
CA PHE A 121 39.56 -8.39 -14.70
C PHE A 121 39.91 -6.99 -15.15
N LYS A 122 38.95 -6.07 -15.06
CA LYS A 122 39.19 -4.67 -15.36
C LYS A 122 40.16 -4.09 -14.33
N GLN A 123 40.09 -4.61 -13.11
CA GLN A 123 40.99 -4.19 -12.04
C GLN A 123 41.79 -5.37 -11.49
N LEU A 124 41.95 -6.41 -12.30
CA LEU A 124 42.67 -7.60 -11.87
C LEU A 124 43.91 -7.85 -12.70
N TYR A 125 43.80 -7.66 -14.02
CA TYR A 125 44.91 -7.92 -14.93
C TYR A 125 46.09 -6.97 -14.71
N GLN A 126 45.86 -5.91 -13.95
CA GLN A 126 46.92 -4.98 -13.60
C GLN A 126 47.46 -5.28 -12.20
N THR A 127 46.98 -6.37 -11.62
CA THR A 127 47.38 -6.76 -10.27
C THR A 127 48.01 -8.16 -10.27
N LEU A 128 47.93 -8.84 -11.41
CA LEU A 128 48.47 -10.19 -11.53
C LEU A 128 49.99 -10.22 -11.61
N THR A 129 50.58 -11.24 -11.02
CA THR A 129 52.03 -11.44 -11.09
C THR A 129 52.38 -12.38 -12.22
N ASP A 130 53.66 -12.71 -12.35
CA ASP A 130 54.12 -13.60 -13.41
C ASP A 130 53.52 -14.99 -13.25
N TYR A 131 53.63 -15.55 -12.04
CA TYR A 131 53.12 -16.88 -11.75
C TYR A 131 51.61 -16.97 -11.90
N ASP A 132 50.92 -15.88 -11.56
CA ASP A 132 49.46 -15.83 -11.68
C ASP A 132 49.03 -15.97 -13.14
N ILE A 133 49.70 -15.25 -14.03
CA ILE A 133 49.41 -15.31 -15.45
C ILE A 133 49.66 -16.71 -16.00
N ARG A 134 50.77 -17.32 -15.57
CA ARG A 134 51.12 -18.67 -15.99
C ARG A 134 50.11 -19.69 -15.47
N PHE A 135 49.56 -19.42 -14.30
CA PHE A 135 48.62 -20.34 -13.66
C PHE A 135 47.28 -20.37 -14.38
N TYR A 136 46.66 -19.21 -14.53
CA TYR A 136 45.33 -19.12 -15.12
C TYR A 136 45.35 -19.46 -16.60
N MET A 137 46.47 -19.20 -17.27
CA MET A 137 46.62 -19.53 -18.68
C MET A 137 46.62 -21.05 -18.85
N TYR A 138 47.21 -21.73 -17.88
CA TYR A 138 47.23 -23.19 -17.87
C TYR A 138 45.84 -23.74 -17.58
N GLU A 139 45.03 -22.96 -16.87
CA GLU A 139 43.67 -23.36 -16.55
C GLU A 139 42.76 -23.27 -17.77
N ILE A 140 42.98 -22.26 -18.60
CA ILE A 140 42.22 -22.09 -19.82
C ILE A 140 42.56 -23.21 -20.81
N LEU A 141 43.84 -23.52 -20.93
CA LEU A 141 44.29 -24.63 -21.77
C LEU A 141 43.71 -25.95 -21.30
N LYS A 142 43.56 -26.09 -19.98
CA LYS A 142 42.97 -27.29 -19.40
C LYS A 142 41.52 -27.43 -19.83
N ALA A 143 40.89 -26.30 -20.11
CA ALA A 143 39.49 -26.29 -20.56
C ALA A 143 39.41 -26.36 -22.08
N LEU A 144 40.31 -25.64 -22.75
CA LEU A 144 40.32 -25.59 -24.21
C LEU A 144 40.68 -26.95 -24.80
N ASP A 145 41.53 -27.70 -24.12
CA ASP A 145 41.92 -29.03 -24.59
C ASP A 145 40.76 -30.01 -24.47
N TYR A 146 39.85 -29.73 -23.55
CA TYR A 146 38.70 -30.61 -23.35
C TYR A 146 37.66 -30.43 -24.43
N CYS A 147 37.24 -29.18 -24.67
CA CYS A 147 36.22 -28.90 -25.67
C CYS A 147 36.71 -29.26 -27.08
N HIS A 148 38.01 -29.08 -27.31
CA HIS A 148 38.62 -29.46 -28.57
C HIS A 148 38.63 -30.98 -28.72
N SER A 149 38.82 -31.68 -27.60
CA SER A 149 38.80 -33.13 -27.61
C SER A 149 37.37 -33.64 -27.78
N MET A 150 36.41 -32.81 -27.39
CA MET A 150 35.00 -33.15 -27.54
C MET A 150 34.50 -32.72 -28.92
N GLY A 151 35.40 -32.16 -29.72
CA GLY A 151 35.07 -31.72 -31.06
C GLY A 151 34.26 -30.45 -31.07
N ILE A 152 34.51 -29.57 -30.11
CA ILE A 152 33.78 -28.32 -29.99
C ILE A 152 34.70 -27.12 -29.92
N MET A 153 34.65 -26.28 -30.95
CA MET A 153 35.39 -25.02 -30.95
C MET A 153 34.64 -24.01 -30.09
N HIS A 154 35.37 -23.09 -29.47
CA HIS A 154 34.74 -22.05 -28.66
C HIS A 154 34.43 -20.82 -29.51
N ARG A 155 35.41 -20.42 -30.31
CA ARG A 155 35.27 -19.32 -31.27
C ARG A 155 34.88 -17.99 -30.64
N ASP A 156 35.24 -17.81 -29.36
CA ASP A 156 34.95 -16.56 -28.66
C ASP A 156 35.78 -16.42 -27.40
N VAL A 157 37.04 -16.85 -27.48
CA VAL A 157 37.93 -16.78 -26.32
C VAL A 157 38.38 -15.34 -26.06
N LYS A 158 37.89 -14.76 -24.98
CA LYS A 158 38.24 -13.39 -24.62
C LYS A 158 38.21 -13.24 -23.09
N PRO A 159 38.92 -12.24 -22.56
CA PRO A 159 38.91 -11.98 -21.11
C PRO A 159 37.51 -11.71 -20.56
N HIS A 160 36.61 -11.20 -21.40
CA HIS A 160 35.24 -10.93 -20.97
C HIS A 160 34.40 -12.20 -20.92
N ASN A 161 34.99 -13.33 -21.31
CA ASN A 161 34.28 -14.60 -21.32
C ASN A 161 34.98 -15.67 -20.50
N VAL A 162 35.93 -15.26 -19.65
CA VAL A 162 36.56 -16.17 -18.71
C VAL A 162 36.44 -15.62 -17.29
N MET A 163 35.74 -16.35 -16.43
CA MET A 163 35.47 -15.90 -15.07
C MET A 163 36.57 -16.33 -14.11
N ILE A 164 37.06 -15.40 -13.30
CA ILE A 164 38.14 -15.69 -12.38
C ILE A 164 37.83 -15.23 -10.94
N ASP A 165 37.77 -16.20 -10.04
CA ASP A 165 37.63 -15.91 -8.62
C ASP A 165 38.98 -16.09 -7.94
N HIS A 166 39.75 -15.02 -7.87
CA HIS A 166 41.13 -15.06 -7.34
C HIS A 166 41.18 -15.52 -5.89
N GLU A 167 40.08 -15.32 -5.17
CA GLU A 167 39.98 -15.72 -3.76
C GLU A 167 40.26 -17.21 -3.57
N HIS A 168 39.70 -18.03 -4.45
CA HIS A 168 39.89 -19.47 -4.36
C HIS A 168 40.66 -20.02 -5.56
N ARG A 169 41.28 -19.12 -6.32
CA ARG A 169 42.04 -19.48 -7.52
C ARG A 169 41.16 -20.26 -8.50
N LYS A 170 39.93 -19.78 -8.69
CA LYS A 170 38.96 -20.47 -9.54
C LYS A 170 38.84 -19.80 -10.91
N LEU A 171 38.82 -20.63 -11.95
CA LEU A 171 38.67 -20.13 -13.32
C LEU A 171 37.60 -20.91 -14.06
N ARG A 172 36.71 -20.19 -14.74
CA ARG A 172 35.63 -20.80 -15.51
C ARG A 172 35.46 -20.13 -16.87
N LEU A 173 35.27 -20.93 -17.90
CA LEU A 173 35.08 -20.42 -19.26
C LEU A 173 33.61 -20.41 -19.62
N ILE A 174 33.08 -19.23 -19.92
CA ILE A 174 31.65 -19.08 -20.19
C ILE A 174 31.39 -18.65 -21.64
N ASP A 175 30.12 -18.30 -21.90
CA ASP A 175 29.68 -17.81 -23.21
C ASP A 175 29.97 -18.83 -24.32
N TRP A 176 29.06 -19.80 -24.46
CA TRP A 176 29.22 -20.84 -25.47
C TRP A 176 28.18 -20.73 -26.57
N GLY A 177 27.76 -19.49 -26.85
CA GLY A 177 26.78 -19.25 -27.89
C GLY A 177 27.39 -19.37 -29.28
N LEU A 178 28.61 -18.87 -29.43
CA LEU A 178 29.31 -18.91 -30.71
C LEU A 178 30.06 -20.22 -30.89
N ALA A 179 30.04 -21.07 -29.87
CA ALA A 179 30.69 -22.38 -29.93
C ALA A 179 30.01 -23.28 -30.96
N GLU A 180 30.81 -24.08 -31.66
CA GLU A 180 30.28 -24.95 -32.71
C GLU A 180 31.07 -26.24 -32.83
N PHE A 181 30.38 -27.33 -33.15
CA PHE A 181 31.02 -28.63 -33.36
C PHE A 181 31.90 -28.60 -34.60
N TYR A 182 33.02 -29.33 -34.55
CA TYR A 182 33.95 -29.35 -35.68
C TYR A 182 33.76 -30.57 -36.58
N HIS A 183 33.40 -30.32 -37.83
CA HIS A 183 33.37 -31.36 -38.85
C HIS A 183 34.48 -31.11 -39.87
N PRO A 184 35.35 -32.11 -40.07
CA PRO A 184 36.48 -31.99 -40.99
C PRO A 184 36.05 -31.73 -42.43
N GLY A 185 36.64 -30.72 -43.06
CA GLY A 185 36.31 -30.39 -44.44
C GLY A 185 35.20 -29.37 -44.55
N GLN A 186 34.23 -29.45 -43.65
CA GLN A 186 33.08 -28.54 -43.66
C GLN A 186 33.52 -27.11 -43.39
N GLU A 187 32.88 -26.16 -44.07
CA GLU A 187 33.21 -24.75 -43.95
C GLU A 187 32.30 -24.06 -42.92
N TYR A 188 32.84 -23.04 -42.26
CA TYR A 188 32.08 -22.32 -41.24
C TYR A 188 32.01 -20.82 -41.55
N ASN A 189 31.49 -20.05 -40.59
CA ASN A 189 31.30 -18.62 -40.79
C ASN A 189 32.44 -17.81 -40.17
N VAL A 190 32.86 -16.75 -40.86
CA VAL A 190 34.01 -15.96 -40.43
C VAL A 190 33.63 -14.69 -39.69
N ARG A 191 32.33 -14.52 -39.41
CA ARG A 191 31.87 -13.37 -38.64
C ARG A 191 31.68 -13.75 -37.17
N VAL A 192 32.67 -14.43 -36.62
CA VAL A 192 32.62 -14.87 -35.22
C VAL A 192 33.79 -14.28 -34.43
N ALA A 193 33.74 -14.45 -33.11
CA ALA A 193 34.76 -13.98 -32.18
C ALA A 193 34.90 -12.46 -32.16
N SER A 194 35.53 -11.94 -31.12
CA SER A 194 35.77 -10.50 -31.00
C SER A 194 36.77 -10.04 -32.05
N ARG A 195 36.63 -8.77 -32.46
CA ARG A 195 37.50 -8.19 -33.48
C ARG A 195 38.98 -8.25 -33.08
N TYR A 196 39.26 -7.97 -31.81
CA TYR A 196 40.63 -7.93 -31.32
C TYR A 196 41.22 -9.33 -31.18
N PHE A 197 40.35 -10.34 -31.30
CA PHE A 197 40.79 -11.73 -31.14
C PHE A 197 40.48 -12.57 -32.37
N LYS A 198 40.10 -11.89 -33.45
CA LYS A 198 39.83 -12.57 -34.72
C LYS A 198 41.11 -13.14 -35.32
N GLY A 199 41.08 -14.42 -35.64
CA GLY A 199 42.21 -15.07 -36.29
C GLY A 199 42.39 -14.58 -37.71
N PRO A 200 43.64 -14.66 -38.22
CA PRO A 200 43.97 -14.24 -39.59
C PRO A 200 43.10 -14.92 -40.64
N GLU A 201 42.66 -16.15 -40.36
CA GLU A 201 41.81 -16.89 -41.29
C GLU A 201 40.42 -16.26 -41.41
N LEU A 202 39.97 -15.63 -40.34
CA LEU A 202 38.66 -14.97 -40.33
C LEU A 202 38.71 -13.62 -41.04
N LEU A 203 39.89 -13.02 -41.06
CA LEU A 203 40.06 -11.70 -41.67
C LEU A 203 40.28 -11.78 -43.17
N VAL A 204 40.68 -12.95 -43.65
CA VAL A 204 40.93 -13.16 -45.07
C VAL A 204 39.83 -14.02 -45.68
N ASP A 205 38.75 -14.21 -44.95
CA ASP A 205 37.60 -15.00 -45.38
C ASP A 205 38.01 -16.44 -45.73
N TYR A 206 38.51 -17.17 -44.73
CA TYR A 206 38.85 -18.57 -44.89
C TYR A 206 37.91 -19.42 -44.05
N GLN A 207 36.86 -19.96 -44.69
CA GLN A 207 35.77 -20.61 -43.99
C GLN A 207 36.12 -21.97 -43.40
N MET A 208 37.28 -22.51 -43.73
CA MET A 208 37.64 -23.86 -43.32
C MET A 208 38.68 -23.87 -42.19
N TYR A 209 38.31 -23.33 -41.04
CA TYR A 209 39.18 -23.32 -39.88
C TYR A 209 38.81 -24.44 -38.91
N ASP A 210 39.60 -24.59 -37.85
CA ASP A 210 39.36 -25.64 -36.87
C ASP A 210 39.56 -25.14 -35.44
N TYR A 211 39.96 -26.05 -34.54
CA TYR A 211 40.15 -25.73 -33.14
C TYR A 211 41.23 -24.66 -32.93
N SER A 212 42.14 -24.55 -33.89
CA SER A 212 43.28 -23.65 -33.78
C SER A 212 42.89 -22.17 -33.71
N LEU A 213 41.64 -21.87 -34.04
CA LEU A 213 41.13 -20.50 -33.96
C LEU A 213 41.18 -19.96 -32.54
N ASP A 214 40.81 -20.80 -31.57
CA ASP A 214 40.83 -20.41 -30.17
C ASP A 214 42.25 -20.19 -29.66
N MET A 215 43.20 -20.90 -30.26
CA MET A 215 44.59 -20.79 -29.85
C MET A 215 45.18 -19.43 -30.20
N TRP A 216 44.68 -18.85 -31.29
CA TRP A 216 45.06 -17.49 -31.67
C TRP A 216 44.50 -16.50 -30.67
N SER A 217 43.22 -16.69 -30.33
CA SER A 217 42.55 -15.82 -29.37
C SER A 217 43.22 -15.91 -28.00
N LEU A 218 43.73 -17.09 -27.69
CA LEU A 218 44.45 -17.30 -26.44
C LEU A 218 45.79 -16.56 -26.48
N GLY A 219 46.41 -16.52 -27.65
CA GLY A 219 47.66 -15.82 -27.82
C GLY A 219 47.50 -14.32 -27.62
N CYS A 220 46.40 -13.78 -28.14
CA CYS A 220 46.11 -12.36 -28.00
C CYS A 220 45.89 -12.01 -26.52
N MET A 221 45.27 -12.93 -25.80
CA MET A 221 45.05 -12.74 -24.36
C MET A 221 46.38 -12.73 -23.61
N LEU A 222 47.24 -13.70 -23.91
CA LEU A 222 48.55 -13.80 -23.28
C LEU A 222 49.38 -12.55 -23.52
N ALA A 223 49.35 -12.07 -24.76
CA ALA A 223 50.11 -10.88 -25.13
C ALA A 223 49.59 -9.64 -24.43
N SER A 224 48.27 -9.56 -24.27
CA SER A 224 47.65 -8.40 -23.64
C SER A 224 47.94 -8.36 -22.15
N MET A 225 48.28 -9.51 -21.57
CA MET A 225 48.53 -9.61 -20.14
C MET A 225 50.00 -9.41 -19.79
N ILE A 226 50.89 -10.06 -20.54
CA ILE A 226 52.31 -10.01 -20.24
C ILE A 226 52.97 -8.72 -20.76
N PHE A 227 52.28 -8.02 -21.65
CA PHE A 227 52.79 -6.75 -22.18
C PHE A 227 52.01 -5.57 -21.64
N ARG A 228 50.98 -5.86 -20.84
CA ARG A 228 50.11 -4.83 -20.26
C ARG A 228 49.51 -3.92 -21.32
N LYS A 229 48.90 -4.53 -22.34
CA LYS A 229 48.24 -3.77 -23.40
C LYS A 229 46.92 -4.41 -23.79
N GLU A 230 45.83 -3.88 -23.23
CA GLU A 230 44.49 -4.39 -23.53
C GLU A 230 43.68 -3.35 -24.31
N PRO A 231 43.33 -3.67 -25.56
CA PRO A 231 43.73 -4.91 -26.26
C PRO A 231 45.09 -4.77 -26.94
N PHE A 232 45.72 -5.90 -27.27
CA PHE A 232 47.03 -5.88 -27.89
C PHE A 232 46.95 -5.47 -29.35
N PHE A 233 46.07 -6.12 -30.11
CA PHE A 233 45.84 -5.77 -31.50
C PHE A 233 44.64 -4.85 -31.64
N HIS A 234 44.80 -3.60 -31.24
CA HIS A 234 43.71 -2.63 -31.26
C HIS A 234 43.41 -2.14 -32.66
N GLY A 235 42.42 -2.74 -33.30
CA GLY A 235 41.99 -2.33 -34.62
C GLY A 235 40.69 -1.55 -34.57
N HIS A 236 40.21 -1.10 -35.73
CA HIS A 236 38.98 -0.34 -35.80
C HIS A 236 37.92 -1.07 -36.64
N ASP A 237 38.38 -1.91 -37.56
CA ASP A 237 37.49 -2.76 -38.33
C ASP A 237 38.16 -4.10 -38.62
N ASN A 238 37.56 -4.90 -39.51
CA ASN A 238 38.13 -6.18 -39.88
C ASN A 238 39.27 -6.05 -40.89
N TYR A 239 39.51 -4.82 -41.34
CA TYR A 239 40.59 -4.53 -42.26
C TYR A 239 41.81 -3.99 -41.53
N ASP A 240 41.58 -2.98 -40.69
CA ASP A 240 42.66 -2.38 -39.91
C ASP A 240 43.22 -3.37 -38.89
N GLN A 241 42.40 -4.35 -38.51
CA GLN A 241 42.80 -5.38 -37.57
C GLN A 241 43.97 -6.20 -38.10
N LEU A 242 43.83 -6.69 -39.33
CA LEU A 242 44.89 -7.48 -39.96
C LEU A 242 46.15 -6.64 -40.16
N VAL A 243 45.95 -5.36 -40.45
CA VAL A 243 47.07 -4.42 -40.60
C VAL A 243 47.81 -4.28 -39.27
N ARG A 244 47.05 -4.19 -38.18
CA ARG A 244 47.62 -4.12 -36.84
C ARG A 244 48.47 -5.36 -36.57
N ILE A 245 47.99 -6.51 -37.03
CA ILE A 245 48.71 -7.76 -36.88
C ILE A 245 49.90 -7.82 -37.82
N ALA A 246 49.71 -7.33 -39.04
CA ALA A 246 50.76 -7.36 -40.06
C ALA A 246 51.94 -6.46 -39.68
N LYS A 247 51.68 -5.44 -38.87
CA LYS A 247 52.73 -4.53 -38.44
C LYS A 247 53.59 -5.16 -37.35
N VAL A 248 53.14 -6.28 -36.80
CA VAL A 248 53.86 -6.98 -35.74
C VAL A 248 54.45 -8.29 -36.24
N LEU A 249 53.59 -9.12 -36.83
CA LEU A 249 54.03 -10.42 -37.34
C LEU A 249 54.72 -10.31 -38.70
N GLY A 250 54.74 -9.10 -39.25
CA GLY A 250 55.37 -8.87 -40.54
C GLY A 250 54.45 -9.21 -41.70
N THR A 251 54.70 -8.59 -42.85
CA THR A 251 53.92 -8.85 -44.05
C THR A 251 54.50 -10.03 -44.83
N GLU A 252 55.69 -10.46 -44.41
CA GLU A 252 56.41 -11.53 -45.07
C GLU A 252 55.70 -12.88 -44.94
N ASP A 253 55.29 -13.22 -43.72
CA ASP A 253 54.65 -14.51 -43.47
C ASP A 253 53.17 -14.49 -43.80
N LEU A 254 52.62 -13.29 -44.02
CA LEU A 254 51.22 -13.15 -44.34
C LEU A 254 50.91 -13.66 -45.75
N TYR A 255 51.66 -13.17 -46.73
CA TYR A 255 51.46 -13.57 -48.11
C TYR A 255 51.84 -15.04 -48.31
N ASP A 256 52.73 -15.54 -47.47
CA ASP A 256 53.10 -16.94 -47.48
C ASP A 256 51.92 -17.79 -47.04
N TYR A 257 51.15 -17.27 -46.09
CA TYR A 257 49.95 -17.93 -45.61
C TYR A 257 48.86 -17.95 -46.67
N ILE A 258 48.79 -16.86 -47.45
CA ILE A 258 47.80 -16.74 -48.51
C ILE A 258 48.13 -17.66 -49.69
N ASP A 259 49.39 -17.65 -50.11
CA ASP A 259 49.82 -18.43 -51.27
C ASP A 259 49.81 -19.93 -50.97
N LYS A 260 49.93 -20.28 -49.69
CA LYS A 260 49.92 -21.69 -49.29
C LYS A 260 48.55 -22.30 -49.51
N TYR A 261 47.51 -21.53 -49.21
CA TYR A 261 46.13 -22.03 -49.33
C TYR A 261 45.39 -21.42 -50.50
N ASN A 262 46.11 -20.66 -51.33
CA ASN A 262 45.53 -19.96 -52.48
C ASN A 262 44.29 -19.16 -52.11
N ILE A 263 44.36 -18.46 -50.99
CA ILE A 263 43.22 -17.70 -50.48
C ILE A 263 42.91 -16.50 -51.38
N GLU A 264 41.65 -16.42 -51.81
CA GLU A 264 41.20 -15.30 -52.61
C GLU A 264 41.11 -14.04 -51.75
N LEU A 265 42.24 -13.36 -51.60
CA LEU A 265 42.33 -12.18 -50.74
C LEU A 265 41.56 -11.01 -51.32
N ASP A 266 40.85 -10.28 -50.47
CA ASP A 266 40.11 -9.10 -50.89
C ASP A 266 41.08 -8.00 -51.33
N PRO A 267 40.80 -7.41 -52.51
CA PRO A 267 41.66 -6.40 -53.15
C PRO A 267 42.00 -5.22 -52.25
N ARG A 268 41.12 -4.86 -51.33
CA ARG A 268 41.33 -3.71 -50.45
C ARG A 268 42.51 -3.90 -49.50
N PHE A 269 42.85 -5.16 -49.23
CA PHE A 269 43.94 -5.47 -48.31
C PHE A 269 45.29 -5.09 -48.87
N ASN A 270 45.67 -5.72 -49.99
CA ASN A 270 46.98 -5.51 -50.60
C ASN A 270 47.24 -4.06 -51.00
N ASP A 271 46.18 -3.26 -51.05
CA ASP A 271 46.30 -1.84 -51.35
C ASP A 271 46.72 -1.06 -50.10
N ILE A 272 46.32 -1.55 -48.93
CA ILE A 272 46.60 -0.86 -47.68
C ILE A 272 47.54 -1.63 -46.77
N LEU A 273 47.85 -2.87 -47.14
CA LEU A 273 48.75 -3.70 -46.35
C LEU A 273 50.17 -3.12 -46.34
N GLY A 274 50.66 -2.74 -47.51
CA GLY A 274 52.01 -2.20 -47.64
C GLY A 274 53.05 -3.25 -47.31
N ARG A 275 54.16 -2.82 -46.75
CA ARG A 275 55.24 -3.73 -46.36
C ARG A 275 55.71 -3.47 -44.94
N HIS A 276 55.51 -4.45 -44.07
CA HIS A 276 55.95 -4.34 -42.69
C HIS A 276 56.85 -5.52 -42.32
N SER A 277 57.98 -5.22 -41.69
CA SER A 277 58.92 -6.25 -41.25
C SER A 277 58.46 -6.89 -39.95
N ARG A 278 58.81 -8.15 -39.75
CA ARG A 278 58.43 -8.86 -38.54
C ARG A 278 59.21 -8.35 -37.34
N LYS A 279 58.51 -7.73 -36.40
CA LYS A 279 59.13 -7.17 -35.21
C LYS A 279 59.33 -8.24 -34.14
N ARG A 280 60.34 -8.05 -33.31
CA ARG A 280 60.62 -8.97 -32.22
C ARG A 280 59.59 -8.80 -31.10
N TRP A 281 59.36 -9.86 -30.34
CA TRP A 281 58.46 -9.79 -29.20
C TRP A 281 59.12 -9.04 -28.05
N GLU A 282 60.44 -8.89 -28.13
CA GLU A 282 61.21 -8.18 -27.11
C GLU A 282 61.07 -6.67 -27.30
N ARG A 283 60.32 -6.26 -28.31
CA ARG A 283 60.13 -4.84 -28.61
C ARG A 283 59.05 -4.22 -27.74
N PHE A 284 58.05 -5.02 -27.36
CA PHE A 284 56.92 -4.52 -26.59
C PHE A 284 57.17 -4.59 -25.08
N VAL A 285 58.44 -4.73 -24.71
CA VAL A 285 58.80 -4.84 -23.30
C VAL A 285 59.36 -3.54 -22.76
N HIS A 286 58.70 -3.00 -21.73
CA HIS A 286 59.18 -1.79 -21.07
C HIS A 286 59.32 -2.00 -19.56
N SER A 287 59.51 -0.91 -18.82
CA SER A 287 59.78 -0.98 -17.40
C SER A 287 58.59 -1.45 -16.57
N GLU A 288 57.41 -1.45 -17.18
CA GLU A 288 56.19 -1.85 -16.48
C GLU A 288 55.92 -3.35 -16.58
N ASN A 289 55.99 -3.88 -17.80
CA ASN A 289 55.66 -5.28 -18.06
C ASN A 289 56.87 -6.21 -17.98
N GLN A 290 58.02 -5.67 -17.59
CA GLN A 290 59.27 -6.42 -17.56
C GLN A 290 59.22 -7.63 -16.63
N HIS A 291 58.48 -7.51 -15.53
CA HIS A 291 58.42 -8.58 -14.53
C HIS A 291 57.50 -9.72 -14.98
N LEU A 292 56.77 -9.50 -16.06
CA LEU A 292 55.86 -10.50 -16.58
C LEU A 292 56.45 -11.23 -17.79
N VAL A 293 57.46 -10.62 -18.39
CA VAL A 293 58.07 -11.16 -19.60
C VAL A 293 59.27 -12.05 -19.29
N SER A 294 59.26 -13.25 -19.85
CA SER A 294 60.37 -14.19 -19.72
C SER A 294 60.66 -14.81 -21.08
N PRO A 295 61.90 -15.29 -21.30
CA PRO A 295 62.25 -15.96 -22.56
C PRO A 295 61.32 -17.10 -22.91
N GLU A 296 60.77 -17.78 -21.90
CA GLU A 296 59.84 -18.87 -22.11
C GLU A 296 58.46 -18.33 -22.49
N ALA A 297 58.12 -17.16 -21.96
CA ALA A 297 56.84 -16.53 -22.24
C ALA A 297 56.77 -16.08 -23.70
N LEU A 298 57.84 -15.46 -24.17
CA LEU A 298 57.92 -14.97 -25.54
C LEU A 298 57.92 -16.13 -26.53
N ASP A 299 58.64 -17.20 -26.19
CA ASP A 299 58.71 -18.38 -27.03
C ASP A 299 57.35 -19.07 -27.15
N PHE A 300 56.62 -19.11 -26.03
CA PHE A 300 55.28 -19.70 -26.02
C PHE A 300 54.31 -18.85 -26.82
N LEU A 301 54.44 -17.54 -26.68
CA LEU A 301 53.58 -16.60 -27.41
C LEU A 301 53.90 -16.62 -28.91
N ASP A 302 55.18 -16.76 -29.23
CA ASP A 302 55.62 -16.79 -30.62
C ASP A 302 55.05 -17.99 -31.36
N LYS A 303 54.82 -19.08 -30.63
CA LYS A 303 54.26 -20.29 -31.21
C LYS A 303 52.74 -20.26 -31.17
N LEU A 304 52.18 -19.30 -30.46
CA LEU A 304 50.73 -19.15 -30.38
C LEU A 304 50.19 -18.28 -31.50
N LEU A 305 50.83 -17.13 -31.72
CA LEU A 305 50.37 -16.19 -32.74
C LEU A 305 51.04 -16.45 -34.09
N ARG A 306 50.37 -17.25 -34.91
CA ARG A 306 50.86 -17.58 -36.25
C ARG A 306 49.76 -17.38 -37.30
N TYR A 307 50.15 -16.96 -38.50
CA TYR A 307 49.20 -16.84 -39.59
C TYR A 307 48.62 -18.20 -39.94
N ASP A 308 49.50 -19.17 -40.17
CA ASP A 308 49.09 -20.52 -40.50
C ASP A 308 48.52 -21.23 -39.28
N HIS A 309 47.20 -21.42 -39.29
CA HIS A 309 46.50 -22.09 -38.20
C HIS A 309 47.01 -23.51 -37.99
N GLN A 310 47.43 -24.14 -39.07
CA GLN A 310 47.93 -25.51 -39.02
C GLN A 310 49.29 -25.59 -38.31
N SER A 311 49.99 -24.47 -38.25
CA SER A 311 51.32 -24.43 -37.65
C SER A 311 51.29 -23.87 -36.23
N ARG A 312 50.09 -23.66 -35.70
CA ARG A 312 49.94 -23.13 -34.35
C ARG A 312 49.93 -24.25 -33.31
N LEU A 313 50.37 -23.93 -32.10
CA LEU A 313 50.37 -24.88 -31.00
C LEU A 313 48.97 -25.38 -30.69
N THR A 314 48.84 -26.66 -30.42
CA THR A 314 47.58 -27.23 -29.96
C THR A 314 47.45 -26.98 -28.46
N ALA A 315 46.27 -27.24 -27.92
CA ALA A 315 46.02 -26.99 -26.50
C ALA A 315 46.89 -27.88 -25.62
N ARG A 316 47.05 -29.14 -26.02
CA ARG A 316 47.88 -30.08 -25.28
C ARG A 316 49.36 -29.75 -25.45
N GLU A 317 49.75 -29.41 -26.68
CA GLU A 317 51.12 -29.01 -26.98
C GLU A 317 51.51 -27.77 -26.20
N ALA A 318 50.56 -26.85 -26.06
CA ALA A 318 50.81 -25.60 -25.34
C ALA A 318 51.05 -25.89 -23.87
N MET A 319 50.34 -26.88 -23.34
CA MET A 319 50.50 -27.27 -21.93
C MET A 319 51.86 -27.88 -21.69
N GLU A 320 52.44 -28.50 -22.72
CA GLU A 320 53.77 -29.07 -22.64
C GLU A 320 54.82 -28.04 -23.05
N HIS A 321 54.89 -26.94 -22.31
CA HIS A 321 55.82 -25.87 -22.63
C HIS A 321 56.48 -25.34 -21.36
N PRO A 322 57.78 -24.97 -21.46
CA PRO A 322 58.56 -24.39 -20.35
C PRO A 322 57.85 -23.27 -19.61
N TYR A 323 56.93 -22.58 -20.28
CA TYR A 323 56.16 -21.51 -19.65
C TYR A 323 55.30 -22.07 -18.52
N PHE A 324 54.90 -23.33 -18.65
CA PHE A 324 54.09 -23.99 -17.62
C PHE A 324 54.88 -25.08 -16.90
N TYR A 325 56.11 -24.78 -16.49
CA TYR A 325 56.91 -25.74 -15.74
C TYR A 325 56.72 -25.56 -14.24
N THR A 326 56.67 -24.30 -13.81
CA THR A 326 56.48 -23.98 -12.40
C THR A 326 55.05 -24.33 -11.96
N VAL A 327 54.15 -24.41 -12.92
CA VAL A 327 52.74 -24.66 -12.65
C VAL A 327 52.45 -26.15 -12.44
N VAL A 328 52.88 -26.97 -13.40
CA VAL A 328 52.61 -28.41 -13.35
C VAL A 328 53.31 -29.08 -12.17
N LYS A 329 54.53 -28.64 -11.87
CA LYS A 329 55.30 -29.21 -10.78
C LYS A 329 54.70 -28.87 -9.41
N ASP A 330 53.82 -27.88 -9.38
CA ASP A 330 53.15 -27.50 -8.15
C ASP A 330 51.78 -28.16 -8.02
N GLN A 331 51.69 -29.40 -8.48
CA GLN A 331 50.47 -30.19 -8.35
C GLN A 331 50.78 -31.49 -7.61
N ALA A 332 51.87 -31.47 -6.84
CA ALA A 332 52.31 -32.65 -6.10
C ALA A 332 51.45 -32.87 -4.86
N SER B 2 -48.03 34.69 47.23
CA SER B 2 -47.25 33.60 47.80
C SER B 2 -46.77 32.64 46.73
N GLY B 3 -45.46 32.40 46.70
CA GLY B 3 -44.87 31.46 45.76
C GLY B 3 -44.95 30.04 46.26
N PRO B 4 -44.10 29.15 45.72
CA PRO B 4 -44.08 27.75 46.13
C PRO B 4 -43.48 27.57 47.53
N VAL B 5 -43.81 26.45 48.17
CA VAL B 5 -43.32 26.15 49.52
C VAL B 5 -41.97 25.45 49.46
N PRO B 6 -40.97 25.97 50.19
CA PRO B 6 -39.62 25.42 50.25
C PRO B 6 -39.59 23.95 50.65
N SER B 7 -38.58 23.21 50.16
CA SER B 7 -38.42 21.80 50.49
C SER B 7 -36.96 21.45 50.69
N ARG B 8 -36.68 20.71 51.76
CA ARG B 8 -35.32 20.31 52.07
C ARG B 8 -35.21 18.79 52.18
N ALA B 9 -34.00 18.27 51.96
CA ALA B 9 -33.77 16.84 52.00
C ALA B 9 -33.85 16.30 53.42
N ARG B 10 -34.43 15.11 53.58
CA ARG B 10 -34.52 14.47 54.89
C ARG B 10 -33.18 13.90 55.34
N VAL B 11 -32.51 13.21 54.42
CA VAL B 11 -31.21 12.61 54.71
C VAL B 11 -30.11 13.30 53.93
N TYR B 12 -28.96 13.46 54.56
CA TYR B 12 -27.81 14.15 53.96
C TYR B 12 -28.18 15.56 53.52
N THR B 13 -28.88 16.28 54.40
CA THR B 13 -29.36 17.62 54.08
C THR B 13 -28.20 18.63 54.01
N ASP B 14 -27.34 18.59 55.02
CA ASP B 14 -26.22 19.52 55.10
C ASP B 14 -24.89 18.78 54.97
N VAL B 15 -24.49 18.51 53.73
CA VAL B 15 -23.21 17.85 53.48
C VAL B 15 -22.27 18.77 52.70
N ASN B 16 -22.82 19.47 51.72
CA ASN B 16 -22.03 20.39 50.90
C ASN B 16 -21.87 21.75 51.55
N THR B 17 -22.70 22.03 52.55
CA THR B 17 -22.68 23.32 53.22
C THR B 17 -21.68 23.35 54.39
N HIS B 18 -20.86 22.31 54.48
CA HIS B 18 -19.82 22.26 55.51
C HIS B 18 -18.51 21.73 54.93
N ARG B 19 -18.62 20.92 53.88
CA ARG B 19 -17.46 20.38 53.20
C ARG B 19 -16.61 21.50 52.58
N PRO B 20 -15.30 21.27 52.43
CA PRO B 20 -14.42 22.22 51.74
C PRO B 20 -14.95 22.58 50.35
N ARG B 21 -14.73 23.82 49.92
CA ARG B 21 -15.29 24.31 48.66
C ARG B 21 -14.67 23.61 47.45
N GLU B 22 -13.54 22.94 47.66
CA GLU B 22 -12.91 22.17 46.59
C GLU B 22 -13.59 20.82 46.40
N TYR B 23 -14.92 20.83 46.46
CA TYR B 23 -15.71 19.60 46.35
C TYR B 23 -16.98 19.86 45.56
N TRP B 24 -17.84 20.72 46.07
CA TRP B 24 -19.11 21.04 45.41
C TRP B 24 -18.94 22.12 44.35
N ASP B 25 -17.81 22.82 44.38
CA ASP B 25 -17.50 23.82 43.38
C ASP B 25 -16.62 23.22 42.29
N TYR B 26 -17.26 22.74 41.23
CA TYR B 26 -16.57 22.04 40.15
C TYR B 26 -16.00 23.02 39.11
N GLU B 27 -16.43 24.27 39.19
CA GLU B 27 -16.01 25.28 38.22
C GLU B 27 -14.56 25.69 38.43
N SER B 28 -14.12 25.65 39.68
CA SER B 28 -12.74 26.02 40.02
C SER B 28 -11.83 24.79 40.01
N HIS B 29 -12.34 23.69 39.48
CA HIS B 29 -11.58 22.44 39.40
C HIS B 29 -10.71 22.40 38.16
N VAL B 30 -9.56 21.73 38.26
CA VAL B 30 -8.67 21.57 37.11
C VAL B 30 -8.55 20.10 36.74
N VAL B 31 -8.20 19.85 35.47
CA VAL B 31 -8.19 18.49 34.95
C VAL B 31 -6.78 17.92 34.84
N GLU B 32 -6.60 16.69 35.32
CA GLU B 32 -5.34 15.99 35.18
C GLU B 32 -5.30 15.23 33.85
N TRP B 33 -5.01 15.95 32.78
CA TRP B 33 -4.99 15.36 31.44
C TRP B 33 -3.82 14.41 31.24
N GLY B 34 -4.11 13.13 31.07
CA GLY B 34 -3.09 12.13 30.85
C GLY B 34 -2.74 11.97 29.38
N ASN B 35 -1.83 11.04 29.08
CA ASN B 35 -1.41 10.79 27.71
C ASN B 35 -2.50 10.12 26.90
N GLN B 36 -2.93 10.77 25.82
CA GLN B 36 -4.03 10.28 24.99
C GLN B 36 -3.59 9.17 24.05
N ASP B 37 -2.32 9.20 23.65
CA ASP B 37 -1.80 8.27 22.66
C ASP B 37 -1.81 6.81 23.13
N ASP B 38 -2.20 6.61 24.39
CA ASP B 38 -2.26 5.27 24.97
C ASP B 38 -3.56 4.56 24.64
N TYR B 39 -4.42 5.20 23.85
CA TYR B 39 -5.74 4.65 23.56
C TYR B 39 -6.03 4.57 22.06
N GLN B 40 -6.57 3.43 21.63
CA GLN B 40 -6.94 3.23 20.24
C GLN B 40 -8.36 2.68 20.12
N LEU B 41 -9.19 3.34 19.31
CA LEU B 41 -10.60 2.97 19.19
C LEU B 41 -10.78 1.62 18.48
N VAL B 42 -11.82 0.90 18.87
CA VAL B 42 -12.09 -0.43 18.32
C VAL B 42 -13.53 -0.55 17.81
N ARG B 43 -14.48 -0.17 18.63
CA ARG B 43 -15.89 -0.36 18.30
C ARG B 43 -16.78 0.66 18.98
N LYS B 44 -17.76 1.18 18.24
CA LYS B 44 -18.71 2.14 18.79
C LYS B 44 -19.75 1.44 19.66
N LEU B 45 -19.75 1.76 20.94
CA LEU B 45 -20.71 1.19 21.88
C LEU B 45 -22.00 1.98 21.89
N GLY B 46 -21.89 3.28 21.62
CA GLY B 46 -23.06 4.15 21.58
C GLY B 46 -22.68 5.61 21.42
N ARG B 47 -23.69 6.46 21.23
CA ARG B 47 -23.48 7.90 21.12
C ARG B 47 -24.81 8.63 21.30
N GLY B 48 -24.74 9.89 21.74
CA GLY B 48 -25.94 10.65 21.99
C GLY B 48 -25.82 12.13 21.68
N LYS B 49 -26.61 12.94 22.36
CA LYS B 49 -26.65 14.38 22.12
C LYS B 49 -25.40 15.08 22.65
N TYR B 50 -24.87 14.59 23.76
CA TYR B 50 -23.76 15.26 24.44
C TYR B 50 -22.39 14.67 24.12
N SER B 51 -22.34 13.37 23.83
CA SER B 51 -21.05 12.71 23.65
C SER B 51 -21.11 11.43 22.81
N GLU B 52 -19.95 11.01 22.31
CA GLU B 52 -19.82 9.74 21.62
C GLU B 52 -19.04 8.76 22.49
N VAL B 53 -19.45 7.50 22.49
CA VAL B 53 -18.82 6.49 23.32
C VAL B 53 -18.22 5.36 22.48
N PHE B 54 -16.95 5.07 22.73
CA PHE B 54 -16.25 4.02 21.98
C PHE B 54 -15.64 2.96 22.90
N GLU B 55 -15.54 1.74 22.38
CA GLU B 55 -14.78 0.70 23.02
C GLU B 55 -13.34 0.75 22.51
N ALA B 56 -12.39 0.86 23.42
CA ALA B 56 -10.99 1.02 23.03
C ALA B 56 -10.07 0.07 23.76
N ILE B 57 -8.85 -0.08 23.25
CA ILE B 57 -7.84 -0.92 23.88
C ILE B 57 -6.63 -0.09 24.30
N ASN B 58 -6.39 -0.01 25.60
CA ASN B 58 -5.22 0.69 26.11
C ASN B 58 -3.97 -0.11 25.74
N ILE B 59 -3.22 0.37 24.76
CA ILE B 59 -2.09 -0.37 24.19
C ILE B 59 -0.90 -0.49 25.14
N THR B 60 -1.00 0.10 26.32
CA THR B 60 0.09 0.04 27.30
C THR B 60 -0.03 -1.21 28.17
N ASN B 61 -1.26 -1.61 28.45
CA ASN B 61 -1.52 -2.77 29.30
C ASN B 61 -2.38 -3.82 28.61
N ASN B 62 -2.75 -3.54 27.36
CA ASN B 62 -3.51 -4.46 26.51
C ASN B 62 -4.88 -4.84 27.09
N GLU B 63 -5.46 -3.96 27.90
CA GLU B 63 -6.77 -4.20 28.47
C GLU B 63 -7.85 -3.41 27.73
N LYS B 64 -9.10 -3.82 27.91
CA LYS B 64 -10.22 -3.15 27.25
C LYS B 64 -10.70 -1.94 28.04
N VAL B 65 -10.79 -0.81 27.38
CA VAL B 65 -11.18 0.44 28.02
C VAL B 65 -12.27 1.15 27.24
N VAL B 66 -13.29 1.66 27.94
CA VAL B 66 -14.38 2.37 27.29
C VAL B 66 -14.11 3.87 27.27
N VAL B 67 -14.10 4.45 26.06
CA VAL B 67 -13.81 5.87 25.90
C VAL B 67 -15.07 6.69 25.64
N LYS B 68 -15.29 7.69 26.48
CA LYS B 68 -16.42 8.60 26.30
C LYS B 68 -15.91 9.97 25.86
N ILE B 69 -16.24 10.35 24.63
CA ILE B 69 -15.72 11.58 24.04
C ILE B 69 -16.70 12.74 24.22
N LEU B 70 -16.37 13.65 25.13
CA LEU B 70 -17.23 14.79 25.42
C LEU B 70 -17.04 15.93 24.42
N LYS B 71 -18.13 16.31 23.76
CA LYS B 71 -18.09 17.43 22.83
C LYS B 71 -18.15 18.75 23.59
N PRO B 72 -17.59 19.83 23.02
CA PRO B 72 -17.59 21.13 23.69
C PRO B 72 -19.00 21.69 23.91
N VAL B 73 -19.75 21.06 24.81
CA VAL B 73 -21.11 21.51 25.12
C VAL B 73 -21.07 22.76 25.99
N LYS B 74 -20.76 22.57 27.26
CA LYS B 74 -20.65 23.67 28.21
C LYS B 74 -19.36 23.54 29.01
N LYS B 75 -18.62 24.63 29.12
CA LYS B 75 -17.32 24.62 29.79
C LYS B 75 -17.44 24.42 31.30
N LYS B 76 -18.66 24.30 31.79
CA LYS B 76 -18.89 24.05 33.21
C LYS B 76 -19.54 22.68 33.42
N LYS B 77 -20.26 22.20 32.39
CA LYS B 77 -20.88 20.89 32.44
C LYS B 77 -19.80 19.80 32.41
N ILE B 78 -18.74 20.03 31.63
CA ILE B 78 -17.62 19.11 31.56
C ILE B 78 -16.91 19.06 32.91
N LYS B 79 -16.81 20.21 33.57
CA LYS B 79 -16.17 20.31 34.87
C LYS B 79 -17.01 19.64 35.95
N ARG B 80 -18.31 19.52 35.70
CA ARG B 80 -19.24 18.94 36.68
C ARG B 80 -19.12 17.43 36.75
N GLU B 81 -19.24 16.78 35.60
CA GLU B 81 -19.17 15.32 35.53
C GLU B 81 -17.79 14.81 35.91
N ILE B 82 -16.75 15.61 35.64
CA ILE B 82 -15.39 15.19 35.88
C ILE B 82 -15.02 15.27 37.37
N LYS B 83 -15.72 16.15 38.09
CA LYS B 83 -15.47 16.31 39.52
C LYS B 83 -16.25 15.25 40.30
N ILE B 84 -17.48 15.03 39.89
CA ILE B 84 -18.35 14.03 40.52
C ILE B 84 -17.79 12.63 40.37
N LEU B 85 -17.30 12.31 39.16
CA LEU B 85 -16.72 11.00 38.88
C LEU B 85 -15.50 10.74 39.75
N GLU B 86 -14.77 11.80 40.09
CA GLU B 86 -13.59 11.68 40.94
C GLU B 86 -13.97 11.61 42.42
N ASN B 87 -15.03 12.32 42.79
CA ASN B 87 -15.50 12.33 44.18
C ASN B 87 -16.17 11.02 44.55
N LEU B 88 -16.81 10.38 43.58
CA LEU B 88 -17.49 9.11 43.81
C LEU B 88 -16.60 7.94 43.40
N ARG B 89 -15.42 8.26 42.90
CA ARG B 89 -14.48 7.25 42.42
C ARG B 89 -14.07 6.28 43.53
N GLY B 90 -14.25 4.99 43.27
CA GLY B 90 -13.93 3.97 44.25
C GLY B 90 -15.15 3.53 45.04
N GLY B 91 -16.26 4.23 44.84
CA GLY B 91 -17.50 3.91 45.53
C GLY B 91 -18.12 2.60 45.09
N PRO B 92 -19.11 2.12 45.84
CA PRO B 92 -19.81 0.87 45.53
C PRO B 92 -20.65 0.97 44.26
N ASN B 93 -20.39 0.08 43.30
CA ASN B 93 -21.13 0.03 42.04
C ASN B 93 -21.05 1.33 41.23
N ILE B 94 -20.10 2.20 41.59
CA ILE B 94 -19.87 3.43 40.85
C ILE B 94 -18.83 3.19 39.77
N ILE B 95 -19.09 3.68 38.56
CA ILE B 95 -18.17 3.49 37.45
C ILE B 95 -16.84 4.20 37.74
N THR B 96 -15.74 3.59 37.28
CA THR B 96 -14.41 4.08 37.61
C THR B 96 -13.79 4.93 36.51
N LEU B 97 -13.55 6.20 36.82
CA LEU B 97 -12.85 7.09 35.91
C LEU B 97 -11.35 6.83 35.97
N ALA B 98 -10.81 6.21 34.91
CA ALA B 98 -9.40 5.84 34.89
C ALA B 98 -8.51 7.03 34.56
N ASP B 99 -8.77 7.67 33.42
CA ASP B 99 -7.96 8.79 32.96
C ASP B 99 -8.81 9.80 32.20
N ILE B 100 -8.31 11.02 32.07
CA ILE B 100 -9.04 12.08 31.38
C ILE B 100 -8.19 12.71 30.29
N VAL B 101 -8.26 12.16 29.08
CA VAL B 101 -7.44 12.66 27.98
C VAL B 101 -8.19 13.68 27.13
N LYS B 102 -7.47 14.32 26.23
CA LYS B 102 -8.06 15.31 25.34
C LYS B 102 -7.29 15.40 24.02
N ASP B 103 -8.00 15.76 22.95
CA ASP B 103 -7.37 15.95 21.65
C ASP B 103 -6.59 17.27 21.65
N PRO B 104 -5.25 17.18 21.49
CA PRO B 104 -4.39 18.37 21.56
C PRO B 104 -4.67 19.36 20.43
N VAL B 105 -5.37 18.91 19.39
CA VAL B 105 -5.66 19.76 18.24
C VAL B 105 -6.96 20.54 18.44
N SER B 106 -8.03 19.84 18.82
CA SER B 106 -9.36 20.45 18.92
C SER B 106 -9.76 20.73 20.37
N ARG B 107 -8.92 20.34 21.32
CA ARG B 107 -9.16 20.56 22.74
C ARG B 107 -10.44 19.88 23.24
N THR B 108 -10.93 18.90 22.48
CA THR B 108 -12.12 18.16 22.87
C THR B 108 -11.76 17.01 23.81
N PRO B 109 -12.19 17.12 25.08
CA PRO B 109 -11.82 16.14 26.12
C PRO B 109 -12.52 14.79 25.95
N ALA B 110 -11.92 13.74 26.49
CA ALA B 110 -12.49 12.40 26.41
C ALA B 110 -12.25 11.63 27.71
N LEU B 111 -13.31 11.02 28.23
CA LEU B 111 -13.21 10.24 29.46
C LEU B 111 -13.04 8.77 29.15
N VAL B 112 -12.20 8.09 29.92
CA VAL B 112 -12.04 6.65 29.77
C VAL B 112 -12.46 5.94 31.06
N PHE B 113 -13.16 4.82 30.91
CA PHE B 113 -13.69 4.09 32.06
C PHE B 113 -13.28 2.62 32.02
N GLU B 114 -13.53 1.92 33.11
CA GLU B 114 -13.34 0.48 33.15
C GLU B 114 -14.37 -0.18 32.23
N HIS B 115 -14.02 -1.34 31.68
CA HIS B 115 -14.91 -2.03 30.76
C HIS B 115 -15.74 -3.09 31.47
N VAL B 116 -17.06 -3.00 31.31
CA VAL B 116 -17.98 -4.00 31.87
C VAL B 116 -18.70 -4.71 30.73
N ASN B 117 -18.38 -5.99 30.53
CA ASN B 117 -19.01 -6.79 29.49
C ASN B 117 -20.51 -6.89 29.72
N ASN B 118 -21.22 -5.85 29.34
CA ASN B 118 -22.65 -5.74 29.60
C ASN B 118 -23.51 -6.65 28.73
N THR B 119 -24.03 -7.71 29.31
CA THR B 119 -25.10 -8.47 28.67
C THR B 119 -26.31 -7.55 28.59
N ASP B 120 -26.51 -6.96 27.41
CA ASP B 120 -27.47 -5.87 27.24
C ASP B 120 -28.86 -6.20 27.78
N PHE B 121 -29.47 -5.22 28.44
CA PHE B 121 -30.73 -5.43 29.14
C PHE B 121 -31.92 -5.50 28.20
N LYS B 122 -31.66 -5.27 26.91
CA LYS B 122 -32.71 -5.40 25.90
C LYS B 122 -33.15 -6.86 25.80
N GLN B 123 -32.20 -7.75 26.05
CA GLN B 123 -32.47 -9.19 26.05
C GLN B 123 -32.14 -9.83 27.39
N LEU B 124 -32.12 -9.02 28.45
CA LEU B 124 -31.79 -9.51 29.79
C LEU B 124 -32.96 -9.36 30.75
N TYR B 125 -33.66 -8.24 30.67
CA TYR B 125 -34.75 -7.94 31.59
C TYR B 125 -35.93 -8.89 31.41
N GLN B 126 -35.93 -9.65 30.32
CA GLN B 126 -36.96 -10.64 30.07
C GLN B 126 -36.47 -12.03 30.46
N THR B 127 -35.29 -12.08 31.06
CA THR B 127 -34.68 -13.35 31.46
C THR B 127 -34.40 -13.40 32.95
N LEU B 128 -34.57 -12.27 33.63
CA LEU B 128 -34.30 -12.18 35.06
C LEU B 128 -35.39 -12.85 35.88
N THR B 129 -34.99 -13.47 36.98
CA THR B 129 -35.94 -14.07 37.91
C THR B 129 -36.27 -13.10 39.03
N ASP B 130 -37.07 -13.54 39.99
CA ASP B 130 -37.47 -12.68 41.11
C ASP B 130 -36.26 -12.28 41.96
N TYR B 131 -35.46 -13.27 42.33
CA TYR B 131 -34.29 -13.03 43.17
C TYR B 131 -33.27 -12.15 42.46
N ASP B 132 -33.18 -12.30 41.14
CA ASP B 132 -32.26 -11.48 40.35
C ASP B 132 -32.64 -10.01 40.41
N ILE B 133 -33.94 -9.73 40.27
CA ILE B 133 -34.43 -8.36 40.34
C ILE B 133 -34.19 -7.78 41.73
N ARG B 134 -34.43 -8.59 42.76
CA ARG B 134 -34.19 -8.16 44.13
C ARG B 134 -32.71 -7.89 44.38
N PHE B 135 -31.87 -8.66 43.71
CA PHE B 135 -30.42 -8.56 43.91
C PHE B 135 -29.84 -7.29 43.31
N TYR B 136 -30.10 -7.07 42.02
CA TYR B 136 -29.53 -5.92 41.31
C TYR B 136 -30.15 -4.61 41.79
N MET B 137 -31.40 -4.67 42.23
CA MET B 137 -32.07 -3.47 42.76
C MET B 137 -31.41 -3.04 44.07
N TYR B 138 -30.96 -4.01 44.83
CA TYR B 138 -30.25 -3.75 46.08
C TYR B 138 -28.87 -3.18 45.79
N GLU B 139 -28.33 -3.53 44.63
CA GLU B 139 -27.01 -3.04 44.22
C GLU B 139 -27.09 -1.57 43.80
N ILE B 140 -28.18 -1.20 43.15
CA ILE B 140 -28.39 0.19 42.73
C ILE B 140 -28.58 1.07 43.95
N LEU B 141 -29.36 0.59 44.92
CA LEU B 141 -29.56 1.29 46.18
C LEU B 141 -28.25 1.46 46.92
N LYS B 142 -27.38 0.46 46.81
CA LYS B 142 -26.07 0.49 47.45
C LYS B 142 -25.21 1.61 46.86
N ALA B 143 -25.46 1.95 45.60
CA ALA B 143 -24.72 3.01 44.93
C ALA B 143 -25.40 4.36 45.11
N LEU B 144 -26.73 4.36 45.02
CA LEU B 144 -27.51 5.59 45.14
C LEU B 144 -27.39 6.19 46.54
N ASP B 145 -27.28 5.34 47.55
CA ASP B 145 -27.15 5.81 48.93
C ASP B 145 -25.78 6.45 49.14
N TYR B 146 -24.80 6.05 48.34
CA TYR B 146 -23.45 6.58 48.47
C TYR B 146 -23.36 7.99 47.91
N CYS B 147 -23.83 8.16 46.67
CA CYS B 147 -23.77 9.47 46.01
C CYS B 147 -24.67 10.47 46.73
N HIS B 148 -25.78 10.00 47.27
CA HIS B 148 -26.67 10.85 48.06
C HIS B 148 -26.00 11.26 49.36
N SER B 149 -25.20 10.36 49.93
CA SER B 149 -24.46 10.65 51.15
C SER B 149 -23.32 11.60 50.85
N MET B 150 -22.86 11.58 49.60
CA MET B 150 -21.80 12.48 49.16
C MET B 150 -22.38 13.81 48.68
N GLY B 151 -23.70 13.93 48.76
CA GLY B 151 -24.38 15.14 48.36
C GLY B 151 -24.45 15.30 46.86
N ILE B 152 -24.57 14.17 46.16
CA ILE B 152 -24.63 14.18 44.70
C ILE B 152 -25.86 13.44 44.17
N MET B 153 -26.76 14.18 43.56
CA MET B 153 -27.91 13.59 42.88
C MET B 153 -27.48 13.04 41.54
N HIS B 154 -28.13 11.96 41.08
CA HIS B 154 -27.80 11.40 39.77
C HIS B 154 -28.66 12.05 38.69
N ARG B 155 -29.95 12.15 38.96
CA ARG B 155 -30.91 12.83 38.09
C ARG B 155 -30.98 12.23 36.68
N ASP B 156 -30.65 10.95 36.57
CA ASP B 156 -30.70 10.26 35.28
C ASP B 156 -30.70 8.74 35.46
N VAL B 157 -31.40 8.26 36.47
CA VAL B 157 -31.46 6.83 36.76
C VAL B 157 -32.37 6.12 35.75
N LYS B 158 -31.75 5.32 34.88
CA LYS B 158 -32.48 4.57 33.88
C LYS B 158 -31.74 3.27 33.58
N PRO B 159 -32.46 2.25 33.07
CA PRO B 159 -31.82 0.98 32.69
C PRO B 159 -30.70 1.16 31.65
N HIS B 160 -30.77 2.21 30.85
CA HIS B 160 -29.74 2.48 29.85
C HIS B 160 -28.49 3.10 30.46
N ASN B 161 -28.54 3.36 31.77
CA ASN B 161 -27.40 3.96 32.45
C ASN B 161 -26.91 3.11 33.63
N VAL B 162 -27.35 1.86 33.67
CA VAL B 162 -26.84 0.91 34.65
C VAL B 162 -26.31 -0.34 33.95
N MET B 163 -25.01 -0.57 34.09
CA MET B 163 -24.35 -1.67 33.39
C MET B 163 -24.39 -2.94 34.22
N ILE B 164 -24.78 -4.04 33.59
CA ILE B 164 -24.91 -5.31 34.30
C ILE B 164 -24.17 -6.45 33.59
N ASP B 165 -23.17 -7.00 34.27
CA ASP B 165 -22.48 -8.19 33.79
C ASP B 165 -22.96 -9.41 34.57
N HIS B 166 -23.99 -10.06 34.04
CA HIS B 166 -24.64 -11.19 34.71
C HIS B 166 -23.67 -12.34 34.96
N GLU B 167 -22.63 -12.42 34.14
CA GLU B 167 -21.63 -13.48 34.26
C GLU B 167 -20.98 -13.49 35.66
N HIS B 168 -20.64 -12.32 36.16
CA HIS B 168 -20.02 -12.21 37.48
C HIS B 168 -20.92 -11.46 38.47
N ARG B 169 -22.19 -11.32 38.12
CA ARG B 169 -23.16 -10.60 38.94
C ARG B 169 -22.67 -9.18 39.25
N LYS B 170 -22.15 -8.51 38.23
CA LYS B 170 -21.56 -7.19 38.40
C LYS B 170 -22.51 -6.09 37.92
N LEU B 171 -22.64 -5.04 38.73
CA LEU B 171 -23.48 -3.90 38.38
C LEU B 171 -22.74 -2.58 38.58
N ARG B 172 -22.83 -1.70 37.60
CA ARG B 172 -22.18 -0.39 37.68
C ARG B 172 -23.09 0.71 37.17
N LEU B 173 -23.12 1.83 37.90
CA LEU B 173 -23.95 2.97 37.53
C LEU B 173 -23.13 4.02 36.79
N ILE B 174 -23.52 4.30 35.55
CA ILE B 174 -22.76 5.22 34.70
C ILE B 174 -23.55 6.48 34.37
N ASP B 175 -23.02 7.27 33.44
CA ASP B 175 -23.67 8.49 32.97
C ASP B 175 -23.91 9.47 34.11
N TRP B 176 -22.89 10.24 34.46
CA TRP B 176 -23.00 11.20 35.55
C TRP B 176 -22.91 12.63 35.03
N GLY B 177 -23.39 12.83 33.81
CA GLY B 177 -23.38 14.14 33.20
C GLY B 177 -24.44 15.06 33.76
N LEU B 178 -25.63 14.50 34.00
CA LEU B 178 -26.74 15.26 34.54
C LEU B 178 -26.68 15.31 36.07
N ALA B 179 -25.70 14.60 36.63
CA ALA B 179 -25.52 14.58 38.08
C ALA B 179 -25.10 15.97 38.58
N GLU B 180 -25.61 16.34 39.76
CA GLU B 180 -25.34 17.64 40.33
C GLU B 180 -25.30 17.60 41.86
N PHE B 181 -24.44 18.42 42.44
CA PHE B 181 -24.33 18.51 43.89
C PHE B 181 -25.60 19.13 44.48
N TYR B 182 -26.00 18.67 45.66
CA TYR B 182 -27.22 19.16 46.29
C TYR B 182 -26.95 20.25 47.32
N HIS B 183 -27.49 21.43 47.07
CA HIS B 183 -27.47 22.51 48.05
C HIS B 183 -28.90 22.77 48.54
N PRO B 184 -29.09 22.69 49.86
CA PRO B 184 -30.42 22.88 50.47
C PRO B 184 -31.00 24.26 50.19
N GLY B 185 -32.25 24.29 49.72
CA GLY B 185 -32.91 25.55 49.43
C GLY B 185 -32.71 26.02 48.00
N GLN B 186 -31.52 25.76 47.45
CA GLN B 186 -31.19 26.19 46.10
C GLN B 186 -32.06 25.47 45.07
N GLU B 187 -32.45 26.20 44.02
CA GLU B 187 -33.32 25.65 42.99
C GLU B 187 -32.50 25.10 41.81
N TYR B 188 -33.04 24.08 41.15
CA TYR B 188 -32.36 23.45 40.03
C TYR B 188 -33.22 23.46 38.77
N ASN B 189 -32.76 22.75 37.75
CA ASN B 189 -33.46 22.73 36.47
C ASN B 189 -34.33 21.47 36.33
N VAL B 190 -35.51 21.64 35.74
CA VAL B 190 -36.48 20.55 35.66
C VAL B 190 -36.48 19.86 34.30
N ARG B 191 -35.53 20.23 33.44
CA ARG B 191 -35.40 19.59 32.13
C ARG B 191 -34.31 18.53 32.16
N VAL B 192 -34.35 17.69 33.19
CA VAL B 192 -33.36 16.62 33.35
C VAL B 192 -34.04 15.25 33.37
N ALA B 193 -33.22 14.20 33.30
CA ALA B 193 -33.67 12.81 33.32
C ALA B 193 -34.54 12.45 32.11
N SER B 194 -34.69 11.15 31.86
CA SER B 194 -35.52 10.68 30.76
C SER B 194 -37.00 10.96 31.07
N ARG B 195 -37.79 11.14 30.01
CA ARG B 195 -39.21 11.45 30.15
C ARG B 195 -39.95 10.40 30.95
N TYR B 196 -39.64 9.13 30.69
CA TYR B 196 -40.34 8.02 31.34
C TYR B 196 -39.95 7.88 32.80
N PHE B 197 -38.91 8.59 33.21
CA PHE B 197 -38.39 8.50 34.57
C PHE B 197 -38.39 9.86 35.26
N LYS B 198 -39.04 10.83 34.64
CA LYS B 198 -39.17 12.16 35.22
C LYS B 198 -40.08 12.14 36.44
N GLY B 199 -39.59 12.68 37.55
CA GLY B 199 -40.40 12.79 38.75
C GLY B 199 -41.49 13.82 38.57
N PRO B 200 -42.60 13.68 39.32
CA PRO B 200 -43.74 14.60 39.25
C PRO B 200 -43.34 16.06 39.49
N GLU B 201 -42.29 16.28 40.28
CA GLU B 201 -41.81 17.63 40.57
C GLU B 201 -41.21 18.28 39.34
N LEU B 202 -40.66 17.47 38.45
CA LEU B 202 -40.07 17.99 37.22
C LEU B 202 -41.16 18.31 36.19
N LEU B 203 -42.29 17.63 36.31
CA LEU B 203 -43.39 17.79 35.37
C LEU B 203 -44.29 18.96 35.75
N VAL B 204 -44.21 19.39 37.00
CA VAL B 204 -45.03 20.50 37.47
C VAL B 204 -44.17 21.74 37.71
N ASP B 205 -42.93 21.68 37.20
CA ASP B 205 -41.97 22.78 37.31
C ASP B 205 -41.71 23.15 38.77
N TYR B 206 -41.17 22.20 39.53
CA TYR B 206 -40.78 22.45 40.91
C TYR B 206 -39.26 22.38 41.03
N GLN B 207 -38.62 23.53 41.00
CA GLN B 207 -37.17 23.62 40.88
C GLN B 207 -36.41 23.22 42.15
N MET B 208 -37.12 23.03 43.26
CA MET B 208 -36.46 22.77 44.54
C MET B 208 -36.59 21.30 44.95
N TYR B 209 -36.02 20.41 44.17
CA TYR B 209 -36.02 18.98 44.49
C TYR B 209 -34.71 18.56 45.12
N ASP B 210 -34.62 17.30 45.54
CA ASP B 210 -33.43 16.78 46.18
C ASP B 210 -33.08 15.36 45.69
N TYR B 211 -32.45 14.58 46.56
CA TYR B 211 -32.01 13.22 46.22
C TYR B 211 -33.20 12.32 45.86
N SER B 212 -34.37 12.66 46.38
CA SER B 212 -35.56 11.84 46.23
C SER B 212 -36.00 11.68 44.77
N LEU B 213 -35.46 12.52 43.90
CA LEU B 213 -35.76 12.44 42.47
C LEU B 213 -35.32 11.09 41.91
N ASP B 214 -34.15 10.63 42.32
CA ASP B 214 -33.61 9.35 41.87
C ASP B 214 -34.44 8.18 42.38
N MET B 215 -35.07 8.36 43.53
CA MET B 215 -35.87 7.31 44.14
C MET B 215 -37.15 7.06 43.35
N TRP B 216 -37.67 8.11 42.71
CA TRP B 216 -38.81 7.97 41.82
C TRP B 216 -38.41 7.20 40.57
N SER B 217 -37.26 7.57 40.01
CA SER B 217 -36.73 6.92 38.81
C SER B 217 -36.45 5.44 39.07
N LEU B 218 -36.05 5.13 40.29
CA LEU B 218 -35.79 3.75 40.68
C LEU B 218 -37.10 2.96 40.74
N GLY B 219 -38.16 3.62 41.17
CA GLY B 219 -39.47 3.01 41.23
C GLY B 219 -39.96 2.64 39.84
N CYS B 220 -39.73 3.54 38.88
CA CYS B 220 -40.12 3.30 37.50
C CYS B 220 -39.38 2.11 36.91
N MET B 221 -38.12 1.96 37.28
CA MET B 221 -37.32 0.81 36.86
C MET B 221 -37.89 -0.47 37.45
N LEU B 222 -38.13 -0.46 38.75
CA LEU B 222 -38.67 -1.60 39.46
C LEU B 222 -40.01 -2.04 38.88
N ALA B 223 -40.87 -1.07 38.59
CA ALA B 223 -42.18 -1.35 38.03
C ALA B 223 -42.07 -1.94 36.63
N SER B 224 -41.11 -1.45 35.85
CA SER B 224 -40.92 -1.92 34.48
C SER B 224 -40.36 -3.33 34.44
N MET B 225 -39.72 -3.74 35.53
CA MET B 225 -39.08 -5.06 35.58
C MET B 225 -40.01 -6.13 36.14
N ILE B 226 -40.70 -5.83 37.22
CA ILE B 226 -41.56 -6.80 37.88
C ILE B 226 -42.90 -6.97 37.18
N PHE B 227 -43.26 -6.01 36.32
CA PHE B 227 -44.52 -6.09 35.58
C PHE B 227 -44.28 -6.37 34.10
N ARG B 228 -43.01 -6.46 33.71
CA ARG B 228 -42.61 -6.71 32.32
C ARG B 228 -43.20 -5.68 31.37
N LYS B 229 -43.01 -4.41 31.68
CA LYS B 229 -43.49 -3.33 30.82
C LYS B 229 -42.47 -2.20 30.72
N GLU B 230 -41.70 -2.21 29.65
CA GLU B 230 -40.69 -1.17 29.42
C GLU B 230 -41.06 -0.31 28.22
N PRO B 231 -41.31 0.99 28.46
CA PRO B 231 -41.32 1.61 29.80
C PRO B 231 -42.68 1.49 30.47
N PHE B 232 -42.71 1.68 31.79
CA PHE B 232 -43.96 1.54 32.54
C PHE B 232 -44.88 2.74 32.31
N PHE B 233 -44.33 3.94 32.48
CA PHE B 233 -45.08 5.17 32.24
C PHE B 233 -44.79 5.71 30.84
N HIS B 234 -45.34 5.05 29.82
CA HIS B 234 -45.09 5.42 28.43
C HIS B 234 -45.87 6.66 28.03
N GLY B 235 -45.22 7.81 28.08
CA GLY B 235 -45.83 9.07 27.66
C GLY B 235 -45.32 9.51 26.30
N HIS B 236 -45.83 10.65 25.82
CA HIS B 236 -45.40 11.19 24.53
C HIS B 236 -44.74 12.56 24.70
N ASP B 237 -45.09 13.25 25.77
CA ASP B 237 -44.44 14.52 26.11
C ASP B 237 -44.37 14.68 27.62
N ASN B 238 -44.01 15.88 28.08
CA ASN B 238 -43.93 16.15 29.51
C ASN B 238 -45.30 16.39 30.12
N TYR B 239 -46.33 16.42 29.27
CA TYR B 239 -47.70 16.59 29.73
C TYR B 239 -48.42 15.25 29.82
N ASP B 240 -48.35 14.47 28.75
CA ASP B 240 -48.98 13.15 28.72
C ASP B 240 -48.32 12.21 29.71
N GLN B 241 -47.07 12.48 30.04
CA GLN B 241 -46.33 11.67 31.00
C GLN B 241 -47.00 11.71 32.37
N LEU B 242 -47.28 12.92 32.85
CA LEU B 242 -47.94 13.10 34.14
C LEU B 242 -49.34 12.50 34.11
N VAL B 243 -50.00 12.61 32.97
CA VAL B 243 -51.32 12.01 32.79
C VAL B 243 -51.26 10.50 32.91
N ARG B 244 -50.22 9.91 32.32
CA ARG B 244 -49.99 8.47 32.43
C ARG B 244 -49.82 8.05 33.88
N ILE B 245 -49.13 8.87 34.65
CA ILE B 245 -48.91 8.62 36.07
C ILE B 245 -50.20 8.85 36.87
N ALA B 246 -50.92 9.90 36.50
CA ALA B 246 -52.16 10.26 37.19
C ALA B 246 -53.24 9.19 37.01
N LYS B 247 -53.15 8.44 35.92
CA LYS B 247 -54.12 7.38 35.65
C LYS B 247 -53.86 6.14 36.50
N VAL B 248 -52.70 6.11 37.14
CA VAL B 248 -52.32 4.98 37.99
C VAL B 248 -52.30 5.35 39.46
N LEU B 249 -51.60 6.42 39.79
CA LEU B 249 -51.49 6.87 41.18
C LEU B 249 -52.71 7.67 41.60
N GLY B 250 -53.63 7.90 40.67
CA GLY B 250 -54.83 8.64 40.94
C GLY B 250 -54.63 10.14 40.88
N THR B 251 -55.71 10.87 40.61
CA THR B 251 -55.66 12.32 40.56
C THR B 251 -55.89 12.91 41.95
N GLU B 252 -56.28 12.04 42.87
CA GLU B 252 -56.59 12.44 44.24
C GLU B 252 -55.37 12.95 44.99
N ASP B 253 -54.28 12.20 44.93
CA ASP B 253 -53.06 12.54 45.65
C ASP B 253 -52.22 13.56 44.88
N LEU B 254 -52.56 13.76 43.61
CA LEU B 254 -51.83 14.71 42.78
C LEU B 254 -52.09 16.15 43.20
N TYR B 255 -53.35 16.52 43.29
CA TYR B 255 -53.73 17.87 43.69
C TYR B 255 -53.35 18.16 45.14
N ASP B 256 -53.27 17.11 45.95
CA ASP B 256 -52.82 17.24 47.32
C ASP B 256 -51.33 17.62 47.34
N TYR B 257 -50.59 17.08 46.39
CA TYR B 257 -49.17 17.40 46.25
C TYR B 257 -48.98 18.84 45.78
N ILE B 258 -49.90 19.30 44.94
CA ILE B 258 -49.84 20.67 44.43
C ILE B 258 -50.19 21.69 45.51
N ASP B 259 -51.28 21.43 46.23
CA ASP B 259 -51.76 22.36 47.24
C ASP B 259 -50.86 22.41 48.47
N LYS B 260 -50.10 21.34 48.70
CA LYS B 260 -49.18 21.29 49.83
C LYS B 260 -48.04 22.27 49.65
N TYR B 261 -47.55 22.38 48.41
CA TYR B 261 -46.40 23.24 48.12
C TYR B 261 -46.82 24.49 47.36
N ASN B 262 -48.13 24.67 47.21
CA ASN B 262 -48.69 25.81 46.47
C ASN B 262 -48.08 25.96 45.08
N ILE B 263 -47.91 24.83 44.40
CA ILE B 263 -47.26 24.81 43.10
C ILE B 263 -48.11 25.50 42.04
N GLU B 264 -47.51 26.47 41.35
CA GLU B 264 -48.17 27.16 40.25
C GLU B 264 -48.32 26.24 39.05
N LEU B 265 -49.37 25.43 39.05
CA LEU B 265 -49.58 24.44 38.00
C LEU B 265 -49.95 25.11 36.67
N ASP B 266 -49.37 24.59 35.60
CA ASP B 266 -49.67 25.09 34.26
C ASP B 266 -51.13 24.79 33.90
N PRO B 267 -51.84 25.80 33.38
CA PRO B 267 -53.28 25.73 33.08
C PRO B 267 -53.65 24.56 32.17
N ARG B 268 -52.76 24.15 31.28
CA ARG B 268 -53.05 23.08 30.33
C ARG B 268 -53.22 21.73 31.00
N PHE B 269 -52.65 21.56 32.20
CA PHE B 269 -52.73 20.31 32.92
C PHE B 269 -54.14 20.00 33.42
N ASN B 270 -54.67 20.85 34.29
CA ASN B 270 -55.98 20.63 34.90
C ASN B 270 -57.12 20.53 33.88
N ASP B 271 -56.85 20.96 32.65
CA ASP B 271 -57.82 20.85 31.56
C ASP B 271 -57.80 19.44 30.97
N ILE B 272 -56.66 18.79 31.02
CA ILE B 272 -56.52 17.45 30.43
C ILE B 272 -56.28 16.37 31.48
N LEU B 273 -56.05 16.79 32.72
CA LEU B 273 -55.84 15.84 33.81
C LEU B 273 -57.10 15.02 34.07
N GLY B 274 -58.24 15.68 34.14
CA GLY B 274 -59.50 15.03 34.42
C GLY B 274 -59.53 14.42 35.82
N ARG B 275 -60.24 13.31 35.97
CA ARG B 275 -60.33 12.64 37.25
C ARG B 275 -60.05 11.14 37.11
N HIS B 276 -58.97 10.70 37.75
CA HIS B 276 -58.61 9.28 37.73
C HIS B 276 -58.47 8.74 39.14
N SER B 277 -59.08 7.59 39.39
CA SER B 277 -58.98 6.95 40.70
C SER B 277 -57.66 6.19 40.83
N ARG B 278 -57.15 6.09 42.06
CA ARG B 278 -55.90 5.39 42.30
C ARG B 278 -56.06 3.89 42.13
N LYS B 279 -55.41 3.34 41.11
CA LYS B 279 -55.50 1.91 40.84
C LYS B 279 -54.54 1.11 41.70
N ARG B 280 -54.91 -0.14 41.97
CA ARG B 280 -54.06 -1.02 42.77
C ARG B 280 -52.87 -1.50 41.96
N TRP B 281 -51.78 -1.84 42.65
CA TRP B 281 -50.60 -2.39 41.98
C TRP B 281 -50.85 -3.84 41.56
N GLU B 282 -51.87 -4.44 42.16
CA GLU B 282 -52.24 -5.82 41.84
C GLU B 282 -53.01 -5.90 40.53
N ARG B 283 -53.23 -4.76 39.90
CA ARG B 283 -53.98 -4.68 38.65
C ARG B 283 -53.10 -5.01 37.45
N PHE B 284 -51.82 -4.68 37.56
CA PHE B 284 -50.89 -4.87 36.44
C PHE B 284 -50.23 -6.24 36.46
N VAL B 285 -50.81 -7.17 37.21
CA VAL B 285 -50.23 -8.51 37.32
C VAL B 285 -50.98 -9.53 36.46
N HIS B 286 -50.25 -10.16 35.54
CA HIS B 286 -50.83 -11.21 34.69
C HIS B 286 -50.00 -12.49 34.77
N SER B 287 -50.29 -13.42 33.86
CA SER B 287 -49.66 -14.74 33.89
C SER B 287 -48.18 -14.73 33.55
N GLU B 288 -47.70 -13.62 33.00
CA GLU B 288 -46.29 -13.51 32.62
C GLU B 288 -45.43 -12.98 33.77
N ASN B 289 -45.88 -11.89 34.38
CA ASN B 289 -45.12 -11.23 35.43
C ASN B 289 -45.46 -11.75 36.83
N GLN B 290 -46.29 -12.78 36.88
CA GLN B 290 -46.77 -13.33 38.15
C GLN B 290 -45.65 -13.82 39.05
N HIS B 291 -44.60 -14.36 38.44
CA HIS B 291 -43.49 -14.93 39.21
C HIS B 291 -42.55 -13.85 39.73
N LEU B 292 -42.74 -12.62 39.28
CA LEU B 292 -41.89 -11.52 39.70
C LEU B 292 -42.56 -10.65 40.75
N VAL B 293 -43.89 -10.77 40.85
CA VAL B 293 -44.66 -9.94 41.76
C VAL B 293 -44.88 -10.62 43.11
N SER B 294 -44.56 -9.91 44.19
CA SER B 294 -44.79 -10.38 45.54
C SER B 294 -45.40 -9.26 46.38
N PRO B 295 -46.11 -9.61 47.46
CA PRO B 295 -46.68 -8.60 48.36
C PRO B 295 -45.63 -7.62 48.89
N GLU B 296 -44.40 -8.09 49.05
CA GLU B 296 -43.31 -7.23 49.52
C GLU B 296 -42.82 -6.32 48.39
N ALA B 297 -42.89 -6.83 47.16
CA ALA B 297 -42.48 -6.06 46.00
C ALA B 297 -43.39 -4.89 45.74
N LEU B 298 -44.70 -5.14 45.82
CA LEU B 298 -45.70 -4.10 45.60
C LEU B 298 -45.65 -3.05 46.71
N ASP B 299 -45.43 -3.50 47.93
CA ASP B 299 -45.34 -2.60 49.08
C ASP B 299 -44.11 -1.70 48.95
N PHE B 300 -43.00 -2.28 48.47
CA PHE B 300 -41.78 -1.52 48.25
C PHE B 300 -41.95 -0.53 47.11
N LEU B 301 -42.64 -0.95 46.06
CA LEU B 301 -42.88 -0.09 44.91
C LEU B 301 -43.85 1.04 45.26
N ASP B 302 -44.83 0.72 46.09
CA ASP B 302 -45.83 1.70 46.52
C ASP B 302 -45.20 2.82 47.34
N LYS B 303 -44.13 2.51 48.06
CA LYS B 303 -43.42 3.49 48.87
C LYS B 303 -42.36 4.22 48.06
N LEU B 304 -42.08 3.73 46.86
CA LEU B 304 -41.12 4.36 45.96
C LEU B 304 -41.79 5.43 45.10
N LEU B 305 -42.91 5.06 44.49
CA LEU B 305 -43.62 5.96 43.59
C LEU B 305 -44.66 6.80 44.33
N ARG B 306 -44.25 7.99 44.77
CA ARG B 306 -45.13 8.91 45.45
C ARG B 306 -45.01 10.31 44.84
N TYR B 307 -46.11 11.05 44.81
CA TYR B 307 -46.09 12.42 44.32
C TYR B 307 -45.19 13.28 45.21
N ASP B 308 -45.42 13.22 46.51
CA ASP B 308 -44.63 13.97 47.47
C ASP B 308 -43.24 13.36 47.59
N HIS B 309 -42.24 14.05 47.05
CA HIS B 309 -40.85 13.60 47.09
C HIS B 309 -40.37 13.44 48.53
N GLN B 310 -40.90 14.27 49.41
CA GLN B 310 -40.52 14.26 50.81
C GLN B 310 -41.04 13.00 51.52
N SER B 311 -42.07 12.39 50.93
CA SER B 311 -42.68 11.20 51.53
C SER B 311 -42.21 9.91 50.86
N ARG B 312 -41.21 10.03 49.98
CA ARG B 312 -40.68 8.87 49.29
C ARG B 312 -39.56 8.21 50.11
N LEU B 313 -39.39 6.91 49.94
CA LEU B 313 -38.34 6.17 50.62
C LEU B 313 -36.96 6.69 50.26
N THR B 314 -36.09 6.79 51.26
CA THR B 314 -34.70 7.13 51.00
C THR B 314 -33.97 5.86 50.59
N ALA B 315 -32.74 6.00 50.12
CA ALA B 315 -31.98 4.86 49.63
C ALA B 315 -31.66 3.87 50.75
N ARG B 316 -31.33 4.39 51.93
CA ARG B 316 -31.03 3.55 53.08
C ARG B 316 -32.30 2.91 53.63
N GLU B 317 -33.37 3.69 53.68
CA GLU B 317 -34.68 3.19 54.14
C GLU B 317 -35.18 2.07 53.23
N ALA B 318 -34.94 2.23 51.94
CA ALA B 318 -35.37 1.26 50.94
C ALA B 318 -34.63 -0.07 51.10
N MET B 319 -33.37 -0.01 51.49
CA MET B 319 -32.56 -1.20 51.69
C MET B 319 -33.05 -2.00 52.90
N GLU B 320 -33.66 -1.31 53.85
CA GLU B 320 -34.25 -1.95 55.01
C GLU B 320 -35.71 -2.30 54.75
N HIS B 321 -35.94 -3.15 53.75
CA HIS B 321 -37.29 -3.52 53.35
C HIS B 321 -37.36 -5.02 53.10
N PRO B 322 -38.51 -5.64 53.46
CA PRO B 322 -38.77 -7.07 53.26
C PRO B 322 -38.45 -7.58 51.86
N TYR B 323 -38.50 -6.69 50.86
CA TYR B 323 -38.17 -7.05 49.49
C TYR B 323 -36.71 -7.47 49.37
N PHE B 324 -35.87 -6.92 50.24
CA PHE B 324 -34.45 -7.24 50.24
C PHE B 324 -34.06 -8.01 51.50
N TYR B 325 -34.83 -9.02 51.85
CA TYR B 325 -34.52 -9.85 53.01
C TYR B 325 -33.70 -11.07 52.59
N THR B 326 -34.06 -11.67 51.47
CA THR B 326 -33.35 -12.84 50.95
C THR B 326 -31.97 -12.44 50.44
N VAL B 327 -31.81 -11.17 50.11
CA VAL B 327 -30.57 -10.66 49.54
C VAL B 327 -29.51 -10.38 50.62
N VAL B 328 -29.90 -9.61 51.63
CA VAL B 328 -28.99 -9.22 52.70
C VAL B 328 -28.52 -10.43 53.51
N LYS B 329 -29.42 -11.38 53.75
CA LYS B 329 -29.10 -12.57 54.52
C LYS B 329 -28.13 -13.48 53.77
N ASP B 330 -28.00 -13.26 52.47
CA ASP B 330 -27.06 -14.05 51.66
C ASP B 330 -25.73 -13.34 51.50
N GLN B 331 -25.29 -12.66 52.55
CA GLN B 331 -23.98 -12.01 52.57
C GLN B 331 -23.17 -12.49 53.77
N ALA B 332 -23.51 -13.67 54.28
CA ALA B 332 -22.85 -14.23 55.45
C ALA B 332 -21.48 -14.81 55.11
N ARG B 333 -21.22 -14.98 53.81
CA ARG B 333 -20.00 -15.59 53.27
C ARG B 333 -19.39 -16.68 54.17
N VAL C 7 6.21 15.75 -42.32
CA VAL C 7 5.71 15.04 -41.15
C VAL C 7 5.79 13.52 -41.33
N SER C 8 6.58 12.88 -40.47
CA SER C 8 6.76 11.43 -40.53
C SER C 8 5.59 10.70 -39.88
N TRP C 9 5.66 9.37 -39.86
CA TRP C 9 4.61 8.57 -39.26
C TRP C 9 4.81 8.44 -37.76
N ILE C 10 6.05 8.14 -37.37
CA ILE C 10 6.40 7.93 -35.97
C ILE C 10 6.18 9.19 -35.15
N SER C 11 6.64 10.32 -35.67
CA SER C 11 6.49 11.60 -34.97
C SER C 11 5.03 12.02 -34.89
N TRP C 12 4.26 11.67 -35.92
CA TRP C 12 2.83 12.00 -35.94
C TRP C 12 2.06 11.19 -34.91
N PHE C 13 2.30 9.88 -34.89
CA PHE C 13 1.58 8.98 -33.99
C PHE C 13 1.87 9.29 -32.53
N CYS C 14 3.14 9.48 -32.20
CA CYS C 14 3.54 9.77 -30.83
C CYS C 14 3.13 11.16 -30.40
N GLY C 15 2.81 12.01 -31.38
CA GLY C 15 2.38 13.36 -31.11
C GLY C 15 0.88 13.47 -30.89
N LEU C 16 0.18 12.37 -31.16
CA LEU C 16 -1.27 12.33 -31.02
C LEU C 16 -1.70 12.42 -29.57
N ARG C 17 -2.96 12.81 -29.35
CA ARG C 17 -3.52 12.90 -28.00
C ARG C 17 -3.86 11.50 -27.49
N GLY C 18 -3.40 11.20 -26.28
CA GLY C 18 -3.60 9.88 -25.70
C GLY C 18 -2.39 8.99 -25.92
N ASN C 19 -1.44 9.49 -26.71
CA ASN C 19 -0.22 8.76 -26.99
C ASN C 19 1.01 9.46 -26.41
N GLU C 20 0.83 10.14 -25.28
CA GLU C 20 1.92 10.85 -24.63
C GLU C 20 2.87 9.88 -23.93
N PHE C 21 2.44 8.65 -23.73
CA PHE C 21 3.26 7.63 -23.09
C PHE C 21 4.30 7.08 -24.05
N PHE C 22 3.95 7.03 -25.33
CA PHE C 22 4.82 6.47 -26.35
C PHE C 22 6.07 7.30 -26.57
N CYS C 23 7.16 6.63 -26.93
CA CYS C 23 8.39 7.31 -27.34
C CYS C 23 8.70 6.96 -28.80
N GLU C 24 9.37 7.87 -29.49
CA GLU C 24 9.66 7.67 -30.91
C GLU C 24 10.81 6.68 -31.10
N VAL C 25 10.51 5.56 -31.78
CA VAL C 25 11.49 4.52 -32.04
C VAL C 25 12.54 5.00 -33.04
N ASP C 26 13.81 4.71 -32.74
CA ASP C 26 14.92 5.13 -33.60
C ASP C 26 14.81 4.58 -35.03
N GLU C 27 15.57 5.21 -35.93
CA GLU C 27 15.55 4.87 -37.34
C GLU C 27 15.97 3.43 -37.61
N ASP C 28 17.17 3.07 -37.17
CA ASP C 28 17.78 1.81 -37.54
C ASP C 28 17.24 0.59 -36.77
N TYR C 29 16.45 0.83 -35.73
CA TYR C 29 15.95 -0.27 -34.92
C TYR C 29 14.87 -1.06 -35.67
N ILE C 30 14.10 -0.36 -36.51
CA ILE C 30 13.10 -1.01 -37.33
C ILE C 30 13.73 -1.46 -38.65
N GLN C 31 14.73 -0.71 -39.11
CA GLN C 31 15.46 -1.05 -40.32
C GLN C 31 16.27 -2.33 -40.10
N ASP C 32 16.63 -2.59 -38.86
CA ASP C 32 17.31 -3.84 -38.50
C ASP C 32 16.29 -4.96 -38.33
N LYS C 33 16.26 -5.87 -39.30
CA LYS C 33 15.28 -6.94 -39.32
C LYS C 33 15.55 -8.01 -38.26
N PHE C 34 16.64 -7.82 -37.52
CA PHE C 34 17.01 -8.73 -36.44
C PHE C 34 16.11 -8.54 -35.22
N ASN C 35 15.49 -7.38 -35.12
CA ASN C 35 14.69 -7.02 -33.95
C ASN C 35 13.19 -7.10 -34.18
N LEU C 36 12.78 -7.67 -35.32
CA LEU C 36 11.37 -7.70 -35.68
C LEU C 36 10.85 -9.11 -35.93
N THR C 37 11.68 -10.11 -35.63
CA THR C 37 11.31 -11.50 -35.90
C THR C 37 10.20 -11.99 -34.98
N GLY C 38 9.41 -12.95 -35.46
CA GLY C 38 8.35 -13.54 -34.67
C GLY C 38 7.07 -12.73 -34.66
N LEU C 39 7.00 -11.74 -35.55
CA LEU C 39 5.84 -10.85 -35.60
C LEU C 39 5.04 -11.01 -36.89
N ASN C 40 5.46 -11.91 -37.76
CA ASN C 40 4.80 -12.13 -39.03
C ASN C 40 3.35 -12.60 -38.85
N GLU C 41 3.18 -13.72 -38.15
CA GLU C 41 1.85 -14.24 -37.87
C GLU C 41 1.40 -13.79 -36.48
N GLN C 42 1.62 -12.53 -36.18
CA GLN C 42 1.21 -11.95 -34.90
C GLN C 42 0.43 -10.67 -35.14
N VAL C 43 0.71 -10.02 -36.27
CA VAL C 43 -0.03 -8.83 -36.67
C VAL C 43 -0.51 -8.96 -38.12
N PRO C 44 -1.79 -8.66 -38.36
CA PRO C 44 -2.37 -8.74 -39.72
C PRO C 44 -1.76 -7.71 -40.66
N HIS C 45 -1.57 -8.09 -41.92
CA HIS C 45 -0.96 -7.22 -42.93
C HIS C 45 0.40 -6.70 -42.44
N TYR C 46 1.40 -7.58 -42.43
CA TYR C 46 2.69 -7.26 -41.85
C TYR C 46 3.42 -6.16 -42.61
N ARG C 47 3.60 -6.34 -43.91
CA ARG C 47 4.33 -5.37 -44.72
C ARG C 47 3.56 -4.06 -44.83
N GLN C 48 2.24 -4.15 -44.85
CA GLN C 48 1.38 -2.97 -44.87
C GLN C 48 1.57 -2.18 -43.58
N ALA C 49 1.64 -2.89 -42.47
CA ALA C 49 1.86 -2.27 -41.16
C ALA C 49 3.28 -1.76 -41.03
N LEU C 50 4.21 -2.41 -41.72
CA LEU C 50 5.62 -2.05 -41.64
C LEU C 50 5.97 -0.85 -42.51
N ASP C 51 5.63 -0.94 -43.80
CA ASP C 51 5.98 0.10 -44.75
C ASP C 51 5.28 1.43 -44.47
N MET C 52 4.13 1.36 -43.82
CA MET C 52 3.37 2.58 -43.51
C MET C 52 4.06 3.39 -42.42
N ILE C 53 4.57 2.69 -41.40
CA ILE C 53 5.24 3.35 -40.29
C ILE C 53 6.70 3.61 -40.62
N LEU C 54 7.19 3.01 -41.70
CA LEU C 54 8.57 3.19 -42.12
C LEU C 54 8.69 4.29 -43.17
N ASP C 55 7.62 5.08 -43.30
CA ASP C 55 7.56 6.18 -44.26
C ASP C 55 7.82 5.71 -45.69
N LEU C 56 7.12 4.67 -46.11
CA LEU C 56 7.24 4.15 -47.46
C LEU C 56 5.96 4.36 -48.26
N GLU C 57 6.08 4.28 -49.57
CA GLU C 57 4.93 4.45 -50.46
C GLU C 57 3.92 3.32 -50.26
N PRO C 58 2.62 3.58 -50.53
CA PRO C 58 1.57 2.58 -50.39
C PRO C 58 1.64 1.46 -51.42
N ASP C 59 0.56 0.70 -51.53
CA ASP C 59 0.46 -0.44 -52.46
C ASP C 59 0.76 -0.09 -53.92
N GLU C 60 1.06 1.18 -54.16
CA GLU C 60 1.32 1.77 -55.49
C GLU C 60 0.07 2.03 -56.33
N GLU C 61 -0.99 1.22 -56.17
CA GLU C 61 -2.15 1.37 -57.05
C GLU C 61 -3.46 1.63 -56.30
N LEU C 62 -4.22 0.58 -56.02
CA LEU C 62 -5.43 0.70 -55.20
C LEU C 62 -5.07 1.35 -53.86
N GLU C 63 -4.98 2.68 -53.88
CA GLU C 63 -4.49 3.43 -52.73
C GLU C 63 -5.64 3.79 -51.81
N ASP C 64 -6.82 4.00 -52.40
CA ASP C 64 -7.99 4.40 -51.62
C ASP C 64 -8.15 3.29 -50.59
N ASN C 65 -8.56 3.65 -49.37
CA ASN C 65 -8.42 2.77 -48.23
C ASN C 65 -8.93 1.36 -48.47
N PRO C 66 -7.99 0.40 -48.58
CA PRO C 66 -8.28 -0.99 -48.94
C PRO C 66 -9.29 -1.61 -48.01
N ASN C 67 -10.57 -1.45 -48.36
CA ASN C 67 -11.67 -1.88 -47.52
C ASN C 67 -11.59 -1.26 -46.13
N GLN C 68 -11.57 0.08 -46.07
CA GLN C 68 -11.54 0.78 -44.79
C GLN C 68 -10.24 0.48 -44.04
N SER C 69 -9.24 1.32 -44.23
CA SER C 69 -7.91 1.08 -43.68
C SER C 69 -7.84 1.15 -42.16
N ASP C 70 -9.00 1.20 -41.51
CA ASP C 70 -9.06 1.06 -40.06
C ASP C 70 -8.58 -0.33 -39.64
N LEU C 71 -8.66 -1.28 -40.57
CA LEU C 71 -8.12 -2.62 -40.35
C LEU C 71 -6.70 -2.72 -40.90
N ILE C 72 -6.16 -1.59 -41.38
CA ILE C 72 -4.78 -1.55 -41.86
C ILE C 72 -3.97 -0.50 -41.08
N GLU C 73 -4.48 0.71 -41.01
CA GLU C 73 -3.79 1.79 -40.31
C GLU C 73 -3.76 1.52 -38.81
N GLN C 74 -4.89 1.04 -38.27
CA GLN C 74 -4.95 0.67 -36.87
C GLN C 74 -4.41 -0.74 -36.66
N ALA C 75 -3.94 -1.34 -37.74
CA ALA C 75 -3.20 -2.59 -37.68
C ALA C 75 -1.71 -2.28 -37.76
N ALA C 76 -1.42 -1.07 -38.25
CA ALA C 76 -0.06 -0.55 -38.26
C ALA C 76 0.28 0.01 -36.89
N GLU C 77 -0.75 0.49 -36.19
CA GLU C 77 -0.61 0.93 -34.81
C GLU C 77 -0.29 -0.26 -33.93
N MET C 78 -0.86 -1.40 -34.25
CA MET C 78 -0.63 -2.64 -33.51
C MET C 78 0.82 -3.08 -33.62
N LEU C 79 1.40 -2.94 -34.80
CA LEU C 79 2.79 -3.34 -35.03
C LEU C 79 3.76 -2.46 -34.26
N TYR C 80 3.67 -1.14 -34.46
CA TYR C 80 4.54 -0.19 -33.80
C TYR C 80 4.44 -0.27 -32.28
N GLY C 81 3.26 -0.64 -31.79
CA GLY C 81 3.05 -0.81 -30.37
C GLY C 81 3.87 -1.96 -29.82
N LEU C 82 3.89 -3.07 -30.55
CA LEU C 82 4.65 -4.25 -30.14
C LEU C 82 6.15 -3.99 -30.29
N ILE C 83 6.52 -3.22 -31.31
CA ILE C 83 7.91 -2.83 -31.53
C ILE C 83 8.38 -1.96 -30.38
N HIS C 84 7.50 -1.09 -29.92
CA HIS C 84 7.80 -0.20 -28.80
C HIS C 84 8.09 -0.98 -27.53
N ALA C 85 7.45 -2.13 -27.38
CA ALA C 85 7.64 -2.98 -26.21
C ALA C 85 9.05 -3.58 -26.18
N ARG C 86 9.52 -4.03 -27.34
CA ARG C 86 10.86 -4.58 -27.45
C ARG C 86 11.92 -3.48 -27.39
N TYR C 87 11.53 -2.28 -27.81
CA TYR C 87 12.47 -1.17 -27.94
C TYR C 87 12.82 -0.52 -26.60
N ILE C 88 11.83 -0.43 -25.70
CA ILE C 88 12.04 0.23 -24.42
C ILE C 88 12.73 -0.67 -23.40
N LEU C 89 13.18 -1.84 -23.84
CA LEU C 89 13.95 -2.73 -22.99
C LEU C 89 15.43 -2.57 -23.31
N THR C 90 15.72 -1.95 -24.45
CA THR C 90 17.08 -1.68 -24.87
C THR C 90 17.63 -0.43 -24.18
N ASN C 91 18.95 -0.34 -24.07
CA ASN C 91 19.60 0.76 -23.38
C ASN C 91 19.24 2.13 -23.96
N ARG C 92 19.05 2.17 -25.27
CA ARG C 92 18.66 3.40 -25.96
C ARG C 92 17.21 3.76 -25.65
N GLY C 93 16.34 2.76 -25.73
CA GLY C 93 14.93 2.96 -25.45
C GLY C 93 14.66 3.38 -24.02
N ILE C 94 15.37 2.77 -23.09
CA ILE C 94 15.25 3.10 -21.68
C ILE C 94 15.65 4.55 -21.43
N ALA C 95 16.74 4.98 -22.08
CA ALA C 95 17.24 6.33 -21.94
C ALA C 95 16.21 7.38 -22.40
N GLN C 96 15.43 7.02 -23.41
CA GLN C 96 14.41 7.91 -23.93
C GLN C 96 13.23 8.01 -22.96
N MET C 97 12.80 6.86 -22.44
CA MET C 97 11.72 6.80 -21.47
C MET C 97 12.14 7.47 -20.16
N LEU C 98 13.39 7.28 -19.78
CA LEU C 98 13.94 7.88 -18.57
C LEU C 98 13.96 9.41 -18.68
N GLU C 99 14.09 9.90 -19.91
CA GLU C 99 14.07 11.34 -20.15
C GLU C 99 12.64 11.87 -20.04
N LYS C 100 11.68 11.09 -20.55
CA LYS C 100 10.28 11.43 -20.42
C LYS C 100 9.86 11.32 -18.95
N TYR C 101 10.51 10.41 -18.24
CA TYR C 101 10.29 10.23 -16.81
C TYR C 101 10.69 11.48 -16.04
N GLN C 102 11.74 12.14 -16.50
CA GLN C 102 12.22 13.36 -15.85
C GLN C 102 11.28 14.53 -16.12
N GLN C 103 10.54 14.46 -17.23
CA GLN C 103 9.58 15.51 -17.57
C GLN C 103 8.23 15.25 -16.90
N GLY C 104 7.93 13.98 -16.65
CA GLY C 104 6.68 13.60 -16.02
C GLY C 104 5.55 13.43 -17.02
N ASP C 105 5.88 12.87 -18.18
CA ASP C 105 4.89 12.67 -19.24
C ASP C 105 3.90 11.58 -18.87
N PHE C 106 4.25 10.76 -17.88
CA PHE C 106 3.42 9.62 -17.51
C PHE C 106 2.49 9.95 -16.34
N GLY C 107 2.83 11.01 -15.61
CA GLY C 107 2.00 11.45 -14.49
C GLY C 107 2.65 11.20 -13.15
N TYR C 108 1.93 11.54 -12.08
CA TYR C 108 2.44 11.40 -10.73
C TYR C 108 1.57 10.46 -9.91
N CYS C 109 2.14 9.85 -8.88
CA CYS C 109 1.44 8.87 -8.07
C CYS C 109 0.23 9.48 -7.35
N PRO C 110 -0.93 8.84 -7.46
CA PRO C 110 -2.17 9.29 -6.82
C PRO C 110 -2.06 9.28 -5.29
N ARG C 111 -1.24 8.38 -4.76
CA ARG C 111 -1.06 8.26 -3.32
C ARG C 111 -0.50 9.55 -2.72
N VAL C 112 -1.12 10.00 -1.63
CA VAL C 112 -0.73 11.25 -0.99
C VAL C 112 0.68 11.19 -0.41
N TYR C 113 1.01 10.07 0.23
CA TYR C 113 2.27 9.95 0.94
C TYR C 113 3.41 9.45 0.04
N CYS C 114 3.16 9.44 -1.26
CA CYS C 114 4.22 9.27 -2.25
C CYS C 114 4.71 10.64 -2.68
N GLU C 115 3.91 11.66 -2.37
CA GLU C 115 4.23 13.06 -2.63
C GLU C 115 4.53 13.32 -4.10
N ASN C 116 3.54 13.05 -4.95
CA ASN C 116 3.64 13.33 -6.39
C ASN C 116 4.86 12.72 -7.05
N GLN C 117 5.19 11.48 -6.68
CA GLN C 117 6.29 10.76 -7.29
C GLN C 117 5.93 10.37 -8.73
N PRO C 118 6.76 10.81 -9.70
CA PRO C 118 6.52 10.51 -11.12
C PRO C 118 6.54 9.00 -11.39
N MET C 119 5.58 8.53 -12.18
CA MET C 119 5.43 7.11 -12.41
C MET C 119 5.91 6.68 -13.80
N LEU C 120 5.99 5.38 -14.01
CA LEU C 120 6.37 4.81 -15.29
C LEU C 120 5.23 4.00 -15.87
N PRO C 121 5.11 3.95 -17.21
CA PRO C 121 4.06 3.15 -17.84
C PRO C 121 4.34 1.67 -17.70
N ILE C 122 3.28 0.86 -17.59
CA ILE C 122 3.44 -0.57 -17.43
C ILE C 122 2.18 -1.30 -17.88
N GLY C 123 2.37 -2.48 -18.47
CA GLY C 123 1.26 -3.33 -18.85
C GLY C 123 1.12 -4.48 -17.88
N LEU C 124 -0.11 -4.85 -17.58
CA LEU C 124 -0.35 -5.97 -16.67
C LEU C 124 -0.11 -7.29 -17.38
N SER C 125 -0.27 -7.27 -18.70
CA SER C 125 -0.06 -8.47 -19.51
C SER C 125 0.69 -8.13 -20.79
N ASP C 126 1.51 -9.08 -21.27
CA ASP C 126 2.25 -8.88 -22.50
C ASP C 126 1.42 -9.32 -23.71
N ILE C 127 0.17 -9.71 -23.45
CA ILE C 127 -0.74 -10.14 -24.50
C ILE C 127 -1.72 -9.04 -24.85
N PRO C 128 -1.76 -8.63 -26.13
CA PRO C 128 -2.64 -7.56 -26.61
C PRO C 128 -4.12 -7.85 -26.39
N GLY C 129 -4.88 -6.81 -26.10
CA GLY C 129 -6.32 -6.94 -25.94
C GLY C 129 -6.75 -7.71 -24.71
N GLU C 130 -5.89 -7.71 -23.69
CA GLU C 130 -6.19 -8.39 -22.43
C GLU C 130 -6.26 -7.39 -21.28
N ALA C 131 -5.46 -6.33 -21.39
CA ALA C 131 -5.45 -5.28 -20.38
C ALA C 131 -4.88 -3.98 -20.95
N MET C 132 -5.34 -2.85 -20.42
CA MET C 132 -4.88 -1.55 -20.86
C MET C 132 -3.63 -1.13 -20.11
N VAL C 133 -3.02 -0.03 -20.55
CA VAL C 133 -1.78 0.44 -19.94
C VAL C 133 -2.02 0.97 -18.52
N LYS C 134 -1.14 0.59 -17.60
CA LYS C 134 -1.22 1.06 -16.22
C LYS C 134 0.01 1.90 -15.88
N LEU C 135 0.11 2.33 -14.63
CA LEU C 135 1.20 3.19 -14.20
C LEU C 135 1.86 2.68 -12.92
N TYR C 136 3.19 2.60 -12.95
CA TYR C 136 3.96 2.05 -11.84
C TYR C 136 4.71 3.14 -11.08
N CYS C 137 4.39 3.30 -9.81
CA CYS C 137 5.12 4.23 -8.96
C CYS C 137 6.30 3.53 -8.30
N PRO C 138 7.52 3.99 -8.59
CA PRO C 138 8.75 3.37 -8.05
C PRO C 138 8.93 3.59 -6.55
N LYS C 139 8.11 4.45 -5.97
CA LYS C 139 8.21 4.75 -4.54
C LYS C 139 7.33 3.82 -3.70
N CYS C 140 6.10 3.62 -4.15
CA CYS C 140 5.16 2.75 -3.43
C CYS C 140 5.13 1.36 -4.06
N MET C 141 5.72 1.23 -5.25
CA MET C 141 5.87 -0.05 -5.94
C MET C 141 4.53 -0.75 -6.17
N ASP C 142 3.53 0.01 -6.58
CA ASP C 142 2.24 -0.56 -6.93
C ASP C 142 1.72 0.07 -8.22
N VAL C 143 0.77 -0.59 -8.87
CA VAL C 143 0.25 -0.11 -10.15
C VAL C 143 -1.07 0.64 -9.97
N TYR C 144 -1.28 1.65 -10.81
CA TYR C 144 -2.46 2.49 -10.71
C TYR C 144 -3.14 2.72 -12.06
N THR C 145 -4.41 3.09 -12.03
CA THR C 145 -5.14 3.46 -13.23
C THR C 145 -4.88 4.92 -13.57
N PRO C 146 -4.52 5.20 -14.83
CA PRO C 146 -4.21 6.56 -15.30
C PRO C 146 -5.28 7.58 -14.96
N LYS C 147 -4.84 8.80 -14.62
CA LYS C 147 -5.75 9.87 -14.24
C LYS C 147 -6.73 10.21 -15.36
N SER C 148 -6.20 10.75 -16.45
CA SER C 148 -7.01 11.15 -17.59
C SER C 148 -7.64 9.95 -18.29
N SER C 149 -8.71 10.21 -19.05
CA SER C 149 -9.41 9.16 -19.77
C SER C 149 -8.77 8.88 -21.12
N ARG C 150 -7.81 9.74 -21.49
CA ARG C 150 -7.07 9.59 -22.74
C ARG C 150 -6.36 8.25 -22.83
N HIS C 151 -5.60 7.92 -21.79
CA HIS C 151 -4.78 6.70 -21.79
C HIS C 151 -5.57 5.44 -21.44
N HIS C 152 -6.88 5.58 -21.29
CA HIS C 152 -7.72 4.44 -20.96
C HIS C 152 -8.04 3.60 -22.19
N HIS C 153 -7.51 4.01 -23.33
CA HIS C 153 -7.69 3.26 -24.57
C HIS C 153 -6.35 3.00 -25.24
N THR C 154 -5.43 2.41 -24.48
CA THR C 154 -4.11 2.06 -24.98
C THR C 154 -3.68 0.72 -24.38
N ASP C 155 -3.35 -0.24 -25.25
CA ASP C 155 -3.01 -1.58 -24.80
C ASP C 155 -1.73 -1.59 -23.97
N GLY C 156 -1.77 -2.34 -22.86
CA GLY C 156 -0.63 -2.45 -21.97
C GLY C 156 0.47 -3.32 -22.53
N ALA C 157 0.13 -4.12 -23.54
CA ALA C 157 1.09 -5.02 -24.17
C ALA C 157 2.11 -4.24 -25.00
N TYR C 158 1.83 -2.96 -25.23
CA TYR C 158 2.72 -2.11 -26.00
C TYR C 158 3.82 -1.53 -25.13
N PHE C 159 3.81 -1.89 -23.85
CA PHE C 159 4.81 -1.39 -22.90
C PHE C 159 5.49 -2.53 -22.15
N GLY C 160 4.79 -3.66 -22.03
CA GLY C 160 5.36 -4.83 -21.40
C GLY C 160 5.10 -4.88 -19.91
N THR C 161 5.54 -5.97 -19.28
CA THR C 161 5.32 -6.17 -17.84
C THR C 161 6.60 -5.91 -17.04
N GLY C 162 7.74 -5.90 -17.73
CA GLY C 162 9.02 -5.77 -17.05
C GLY C 162 9.82 -4.54 -17.42
N PHE C 163 9.17 -3.56 -18.04
CA PHE C 163 9.86 -2.33 -18.42
C PHE C 163 10.33 -1.50 -17.21
N PRO C 164 9.44 -1.18 -16.26
CA PRO C 164 9.95 -0.38 -15.14
C PRO C 164 10.92 -1.16 -14.28
N HIS C 165 10.75 -2.48 -14.23
CA HIS C 165 11.60 -3.35 -13.44
C HIS C 165 13.03 -3.37 -13.98
N ILE C 166 13.16 -3.54 -15.29
CA ILE C 166 14.47 -3.63 -15.93
C ILE C 166 15.14 -2.26 -16.01
N LEU C 167 14.34 -1.21 -15.86
CA LEU C 167 14.85 0.16 -15.91
C LEU C 167 15.72 0.46 -14.71
N PHE C 168 15.28 0.03 -13.53
CA PHE C 168 16.03 0.26 -12.31
C PHE C 168 17.11 -0.80 -12.13
N MET C 169 17.09 -1.82 -12.98
CA MET C 169 18.15 -2.81 -13.01
C MET C 169 19.41 -2.19 -13.59
N VAL C 170 19.24 -1.41 -14.66
CA VAL C 170 20.35 -0.75 -15.30
C VAL C 170 20.60 0.63 -14.70
N HIS C 171 19.58 1.18 -14.03
CA HIS C 171 19.69 2.48 -13.40
C HIS C 171 19.17 2.45 -11.96
N PRO C 172 19.93 1.82 -11.04
CA PRO C 172 19.51 1.70 -9.65
C PRO C 172 19.57 3.02 -8.88
N GLU C 173 20.22 4.02 -9.46
CA GLU C 173 20.38 5.31 -8.79
C GLU C 173 19.11 6.15 -8.85
N TYR C 174 18.15 5.71 -9.66
CA TYR C 174 16.89 6.44 -9.81
C TYR C 174 15.79 5.89 -8.91
N ARG C 175 16.10 4.83 -8.16
CA ARG C 175 15.15 4.26 -7.22
C ARG C 175 14.94 5.20 -6.03
N PRO C 176 13.71 5.72 -5.90
CA PRO C 176 13.39 6.71 -4.87
C PRO C 176 13.46 6.13 -3.46
N LYS C 177 13.85 6.95 -2.49
CA LYS C 177 13.81 6.56 -1.09
C LYS C 177 12.38 6.27 -0.67
N ARG C 178 12.17 5.14 0.00
CA ARG C 178 10.84 4.75 0.47
C ARG C 178 10.24 5.83 1.37
N PRO C 179 8.91 6.04 1.27
CA PRO C 179 8.18 7.13 1.94
C PRO C 179 8.55 7.32 3.41
N ALA C 180 8.84 8.57 3.78
CA ALA C 180 9.21 8.90 5.14
C ALA C 180 7.99 8.93 6.06
N ASN C 181 6.82 9.15 5.47
CA ASN C 181 5.58 9.22 6.23
C ASN C 181 4.51 8.29 5.67
N GLN C 182 3.48 8.03 6.48
CA GLN C 182 2.36 7.19 6.07
C GLN C 182 1.06 7.71 6.65
N PHE C 183 -0.06 7.25 6.11
CA PHE C 183 -1.37 7.68 6.59
C PHE C 183 -1.74 6.96 7.89
N VAL C 184 -2.01 7.74 8.93
CA VAL C 184 -2.44 7.18 10.20
C VAL C 184 -3.84 7.67 10.58
N PRO C 185 -4.80 6.74 10.61
CA PRO C 185 -6.20 7.04 10.94
C PRO C 185 -6.37 7.71 12.29
N ARG C 186 -7.03 8.87 12.31
CA ARG C 186 -7.24 9.61 13.55
C ARG C 186 -8.70 10.01 13.72
N LEU C 187 -9.36 9.40 14.71
CA LEU C 187 -10.74 9.74 15.03
C LEU C 187 -10.81 10.40 16.40
N TYR C 188 -11.15 11.70 16.41
CA TYR C 188 -11.19 12.51 17.63
C TYR C 188 -9.85 12.49 18.36
N GLY C 189 -8.77 12.41 17.60
CA GLY C 189 -7.43 12.43 18.16
C GLY C 189 -6.92 11.06 18.55
N PHE C 190 -7.77 10.05 18.42
CA PHE C 190 -7.40 8.70 18.79
C PHE C 190 -6.97 7.87 17.58
N LYS C 191 -6.01 6.97 17.80
CA LYS C 191 -5.64 5.99 16.80
C LYS C 191 -6.72 4.93 16.68
N ILE C 192 -6.62 4.06 15.68
CA ILE C 192 -7.57 2.98 15.52
C ILE C 192 -6.88 1.62 15.60
N HIS C 193 -7.25 0.85 16.62
CA HIS C 193 -6.70 -0.48 16.82
C HIS C 193 -7.07 -1.41 15.67
N PRO C 194 -6.12 -2.24 15.21
CA PRO C 194 -6.35 -3.15 14.07
C PRO C 194 -7.50 -4.12 14.30
N MET C 195 -7.89 -4.33 15.55
CA MET C 195 -9.03 -5.17 15.87
C MET C 195 -10.32 -4.61 15.29
N ALA C 196 -10.38 -3.28 15.18
CA ALA C 196 -11.55 -2.59 14.64
C ALA C 196 -11.87 -3.04 13.22
N TYR C 197 -10.84 -3.16 12.40
CA TYR C 197 -11.02 -3.55 11.01
C TYR C 197 -11.38 -5.03 10.90
N GLN C 198 -10.91 -5.82 11.86
CA GLN C 198 -11.20 -7.25 11.89
C GLN C 198 -12.67 -7.50 12.23
N LEU C 199 -13.19 -6.72 13.18
CA LEU C 199 -14.58 -6.85 13.59
C LEU C 199 -15.53 -6.44 12.47
N GLN C 200 -15.14 -5.41 11.72
CA GLN C 200 -15.96 -4.92 10.63
C GLN C 200 -16.03 -5.93 9.49
N LEU C 201 -14.94 -6.66 9.27
CA LEU C 201 -14.89 -7.68 8.23
C LEU C 201 -15.80 -8.86 8.59
N GLN C 202 -15.82 -9.21 9.86
CA GLN C 202 -16.69 -10.28 10.35
C GLN C 202 -18.15 -9.86 10.23
N ALA C 203 -18.41 -8.58 10.49
CA ALA C 203 -19.75 -8.03 10.38
C ALA C 203 -20.17 -7.91 8.92
N ALA C 204 -19.18 -7.71 8.05
CA ALA C 204 -19.44 -7.59 6.61
C ALA C 204 -19.76 -8.94 5.99
N SER C 205 -19.25 -10.01 6.60
CA SER C 205 -19.46 -11.36 6.11
C SER C 205 -20.76 -11.95 6.65
N ASN C 206 -21.69 -11.08 7.05
CA ASN C 206 -22.99 -11.52 7.55
C ASN C 206 -24.12 -11.01 6.66
N PHE C 207 -23.78 -10.10 5.75
CA PHE C 207 -24.74 -9.49 4.83
C PHE C 207 -25.93 -8.89 5.57
N VAL D 7 -34.43 29.18 -5.69
CA VAL D 7 -33.13 28.58 -5.49
C VAL D 7 -32.53 29.01 -4.15
N SER D 8 -32.30 28.03 -3.27
CA SER D 8 -31.74 28.31 -1.95
C SER D 8 -30.22 28.47 -2.02
N TRP D 9 -29.60 28.70 -0.87
CA TRP D 9 -28.15 28.88 -0.81
C TRP D 9 -27.45 27.53 -0.73
N ILE D 10 -27.94 26.65 0.14
CA ILE D 10 -27.34 25.35 0.35
C ILE D 10 -27.36 24.49 -0.91
N SER D 11 -28.51 24.48 -1.58
CA SER D 11 -28.67 23.69 -2.79
C SER D 11 -27.82 24.25 -3.93
N TRP D 12 -27.64 25.57 -3.93
CA TRP D 12 -26.83 26.23 -4.94
C TRP D 12 -25.35 25.91 -4.77
N PHE D 13 -24.87 26.03 -3.54
CA PHE D 13 -23.46 25.81 -3.24
C PHE D 13 -23.02 24.37 -3.54
N CYS D 14 -23.81 23.40 -3.09
CA CYS D 14 -23.48 22.00 -3.26
C CYS D 14 -23.65 21.55 -4.71
N GLY D 15 -24.38 22.35 -5.49
CA GLY D 15 -24.59 22.06 -6.90
C GLY D 15 -23.51 22.61 -7.80
N LEU D 16 -22.63 23.44 -7.22
CA LEU D 16 -21.55 24.07 -7.98
C LEU D 16 -20.51 23.05 -8.43
N ARG D 17 -19.73 23.42 -9.43
CA ARG D 17 -18.66 22.57 -9.93
C ARG D 17 -17.47 22.58 -8.99
N GLY D 18 -17.00 21.40 -8.61
CA GLY D 18 -15.92 21.28 -7.65
C GLY D 18 -16.44 21.02 -6.25
N ASN D 19 -17.75 21.11 -6.09
CA ASN D 19 -18.38 20.86 -4.80
C ASN D 19 -19.29 19.64 -4.82
N GLU D 20 -18.90 18.66 -5.63
CA GLU D 20 -19.68 17.42 -5.75
C GLU D 20 -19.49 16.53 -4.53
N PHE D 21 -18.46 16.83 -3.74
CA PHE D 21 -18.18 16.08 -2.52
C PHE D 21 -19.14 16.50 -1.41
N PHE D 22 -19.53 17.77 -1.42
CA PHE D 22 -20.41 18.32 -0.39
C PHE D 22 -21.80 17.71 -0.40
N CYS D 23 -22.41 17.62 0.78
CA CYS D 23 -23.80 17.22 0.91
C CYS D 23 -24.60 18.37 1.53
N GLU D 24 -25.89 18.43 1.21
CA GLU D 24 -26.73 19.51 1.70
C GLU D 24 -27.13 19.29 3.17
N VAL D 25 -26.73 20.22 4.03
CA VAL D 25 -27.03 20.14 5.45
C VAL D 25 -28.51 20.36 5.71
N ASP D 26 -29.09 19.52 6.58
CA ASP D 26 -30.51 19.59 6.91
C ASP D 26 -30.92 20.94 7.48
N GLU D 27 -32.22 21.20 7.45
CA GLU D 27 -32.80 22.45 7.91
C GLU D 27 -32.53 22.75 9.38
N ASP D 28 -32.95 21.83 10.25
CA ASP D 28 -32.95 22.08 11.68
C ASP D 28 -31.58 21.94 12.34
N TYR D 29 -30.60 21.44 11.58
CA TYR D 29 -29.26 21.24 12.14
C TYR D 29 -28.55 22.57 12.34
N ILE D 30 -28.81 23.52 11.45
CA ILE D 30 -28.23 24.85 11.58
C ILE D 30 -29.14 25.73 12.44
N GLN D 31 -30.44 25.47 12.38
CA GLN D 31 -31.41 26.19 13.20
C GLN D 31 -31.21 25.87 14.67
N ASP D 32 -30.68 24.69 14.95
CA ASP D 32 -30.34 24.31 16.32
C ASP D 32 -28.97 24.89 16.67
N LYS D 33 -28.98 25.92 17.51
CA LYS D 33 -27.77 26.65 17.87
C LYS D 33 -26.86 25.84 18.80
N PHE D 34 -27.30 24.65 19.15
CA PHE D 34 -26.52 23.75 20.01
C PHE D 34 -25.34 23.14 19.26
N ASN D 35 -25.44 23.14 17.93
CA ASN D 35 -24.41 22.49 17.10
C ASN D 35 -23.48 23.48 16.42
N LEU D 36 -23.54 24.75 16.81
CA LEU D 36 -22.76 25.79 16.14
C LEU D 36 -21.85 26.55 17.10
N THR D 37 -21.78 26.09 18.34
CA THR D 37 -20.99 26.79 19.35
C THR D 37 -19.49 26.65 19.09
N GLY D 38 -18.73 27.65 19.53
CA GLY D 38 -17.28 27.62 19.39
C GLY D 38 -16.79 28.07 18.03
N LEU D 39 -17.69 28.63 17.24
CA LEU D 39 -17.35 29.07 15.88
C LEU D 39 -17.42 30.58 15.73
N ASN D 40 -17.75 31.28 16.81
CA ASN D 40 -17.87 32.74 16.77
C ASN D 40 -16.56 33.41 16.41
N GLU D 41 -15.52 33.15 17.20
CA GLU D 41 -14.20 33.71 16.93
C GLU D 41 -13.35 32.68 16.18
N GLN D 42 -13.94 32.05 15.18
CA GLN D 42 -13.25 31.08 14.35
C GLN D 42 -13.46 31.40 12.87
N VAL D 43 -14.59 32.06 12.58
CA VAL D 43 -14.87 32.53 11.23
C VAL D 43 -15.26 34.01 11.27
N PRO D 44 -14.66 34.81 10.38
CA PRO D 44 -14.94 36.24 10.31
C PRO D 44 -16.38 36.53 9.86
N HIS D 45 -17.00 37.55 10.43
CA HIS D 45 -18.38 37.91 10.12
C HIS D 45 -19.31 36.73 10.33
N TYR D 46 -19.55 36.37 11.60
CA TYR D 46 -20.31 35.17 11.93
C TYR D 46 -21.76 35.23 11.46
N ARG D 47 -22.48 36.28 11.86
CA ARG D 47 -23.90 36.39 11.52
C ARG D 47 -24.07 36.61 10.01
N GLN D 48 -23.13 37.32 9.40
CA GLN D 48 -23.14 37.52 7.96
C GLN D 48 -22.98 36.18 7.25
N ALA D 49 -22.07 35.35 7.77
CA ALA D 49 -21.85 34.03 7.21
C ALA D 49 -23.01 33.09 7.50
N LEU D 50 -23.69 33.33 8.62
CA LEU D 50 -24.79 32.48 9.05
C LEU D 50 -26.08 32.80 8.30
N ASP D 51 -26.50 34.06 8.34
CA ASP D 51 -27.76 34.48 7.75
C ASP D 51 -27.77 34.32 6.23
N MET D 52 -26.60 34.37 5.61
CA MET D 52 -26.49 34.25 4.17
C MET D 52 -26.79 32.82 3.70
N ILE D 53 -26.27 31.84 4.44
CA ILE D 53 -26.48 30.45 4.09
C ILE D 53 -27.80 29.93 4.66
N LEU D 54 -28.41 30.71 5.56
CA LEU D 54 -29.67 30.32 6.18
C LEU D 54 -30.85 30.94 5.45
N ASP D 55 -30.59 31.47 4.25
CA ASP D 55 -31.60 32.11 3.41
C ASP D 55 -32.30 33.26 4.14
N LEU D 56 -31.51 34.15 4.72
CA LEU D 56 -32.05 35.32 5.40
C LEU D 56 -31.65 36.58 4.63
N GLU D 57 -32.37 37.68 4.87
CA GLU D 57 -32.08 38.94 4.21
C GLU D 57 -30.71 39.46 4.64
N PRO D 58 -30.02 40.18 3.73
CA PRO D 58 -28.71 40.75 4.09
C PRO D 58 -28.85 41.94 5.02
N ASP D 59 -27.77 42.69 5.24
CA ASP D 59 -27.83 43.88 6.09
C ASP D 59 -28.85 44.85 5.51
N GLU D 60 -29.95 45.05 6.24
CA GLU D 60 -31.09 45.80 5.74
C GLU D 60 -30.82 47.28 5.42
N GLU D 61 -29.95 47.93 6.19
CA GLU D 61 -29.75 49.36 6.01
C GLU D 61 -28.29 49.74 5.80
N LEU D 62 -27.39 48.99 6.41
CA LEU D 62 -25.97 49.12 6.11
C LEU D 62 -25.80 48.94 4.61
N GLU D 63 -25.09 49.88 3.97
CA GLU D 63 -24.99 49.95 2.51
C GLU D 63 -24.98 48.57 1.86
N ASP D 64 -26.15 48.18 1.35
CA ASP D 64 -26.38 46.83 0.84
C ASP D 64 -25.39 46.49 -0.26
N ASN D 65 -24.84 47.52 -0.92
CA ASN D 65 -23.92 47.34 -2.03
C ASN D 65 -22.79 46.41 -1.60
N PRO D 66 -22.74 45.20 -2.17
CA PRO D 66 -21.85 44.13 -1.73
C PRO D 66 -20.37 44.52 -1.64
N ASN D 67 -19.94 45.49 -2.44
CA ASN D 67 -18.53 45.86 -2.52
C ASN D 67 -17.72 44.61 -2.84
N GLN D 68 -16.75 44.29 -1.99
CA GLN D 68 -16.03 43.04 -2.17
C GLN D 68 -16.50 42.04 -1.13
N SER D 69 -17.62 41.39 -1.41
CA SER D 69 -18.17 40.40 -0.49
C SER D 69 -17.41 39.09 -0.58
N ASP D 70 -16.30 39.11 -1.29
CA ASP D 70 -15.38 37.98 -1.33
C ASP D 70 -14.79 37.74 0.06
N LEU D 71 -14.83 38.79 0.88
CA LEU D 71 -14.43 38.69 2.28
C LEU D 71 -15.64 38.40 3.15
N ILE D 72 -16.80 38.23 2.51
CA ILE D 72 -18.03 37.90 3.22
C ILE D 72 -18.68 36.62 2.69
N GLU D 73 -18.90 36.56 1.38
CA GLU D 73 -19.54 35.41 0.76
C GLU D 73 -18.61 34.19 0.83
N GLN D 74 -17.33 34.41 0.57
CA GLN D 74 -16.35 33.34 0.67
C GLN D 74 -15.90 33.18 2.13
N ALA D 75 -16.53 33.95 3.01
CA ALA D 75 -16.38 33.77 4.45
C ALA D 75 -17.60 33.01 4.96
N ALA D 76 -18.65 33.01 4.15
CA ALA D 76 -19.84 32.22 4.43
C ALA D 76 -19.63 30.79 3.96
N GLU D 77 -18.79 30.63 2.94
CA GLU D 77 -18.39 29.31 2.48
C GLU D 77 -17.55 28.61 3.54
N MET D 78 -16.75 29.39 4.25
CA MET D 78 -15.91 28.87 5.32
C MET D 78 -16.75 28.31 6.45
N LEU D 79 -17.84 29.01 6.78
CA LEU D 79 -18.71 28.59 7.86
C LEU D 79 -19.42 27.28 7.53
N TYR D 80 -20.12 27.25 6.40
CA TYR D 80 -20.85 26.07 5.97
C TYR D 80 -19.93 24.86 5.83
N GLY D 81 -18.68 25.11 5.48
CA GLY D 81 -17.68 24.06 5.36
C GLY D 81 -17.38 23.42 6.70
N LEU D 82 -17.22 24.26 7.72
CA LEU D 82 -16.94 23.77 9.07
C LEU D 82 -18.16 23.10 9.69
N ILE D 83 -19.35 23.62 9.37
CA ILE D 83 -20.60 23.02 9.81
C ILE D 83 -20.77 21.64 9.19
N HIS D 84 -20.38 21.52 7.92
CA HIS D 84 -20.45 20.27 7.18
C HIS D 84 -19.57 19.20 7.83
N ALA D 85 -18.47 19.63 8.44
CA ALA D 85 -17.55 18.71 9.10
C ALA D 85 -18.19 18.08 10.33
N ARG D 86 -18.90 18.90 11.10
CA ARG D 86 -19.61 18.41 12.28
C ARG D 86 -20.84 17.61 11.89
N TYR D 87 -21.39 17.92 10.72
CA TYR D 87 -22.66 17.34 10.29
C TYR D 87 -22.52 15.91 9.76
N ILE D 88 -21.42 15.64 9.06
CA ILE D 88 -21.22 14.32 8.46
C ILE D 88 -20.71 13.31 9.47
N LEU D 89 -20.68 13.70 10.74
CA LEU D 89 -20.34 12.79 11.82
C LEU D 89 -21.61 12.30 12.50
N THR D 90 -22.71 12.99 12.24
CA THR D 90 -24.01 12.61 12.79
C THR D 90 -24.64 11.51 11.94
N ASN D 91 -25.54 10.73 12.56
CA ASN D 91 -26.17 9.60 11.90
C ASN D 91 -26.94 9.99 10.64
N ARG D 92 -27.53 11.18 10.64
CA ARG D 92 -28.25 11.69 9.48
C ARG D 92 -27.26 12.07 8.38
N GLY D 93 -26.20 12.78 8.76
CA GLY D 93 -25.19 13.20 7.83
C GLY D 93 -24.47 12.03 7.16
N ILE D 94 -24.15 11.02 7.96
CA ILE D 94 -23.49 9.82 7.46
C ILE D 94 -24.36 9.12 6.42
N ALA D 95 -25.66 9.05 6.71
CA ALA D 95 -26.62 8.40 5.81
C ALA D 95 -26.67 9.09 4.45
N GLN D 96 -26.49 10.41 4.45
CA GLN D 96 -26.48 11.18 3.21
C GLN D 96 -25.20 10.93 2.43
N MET D 97 -24.07 10.92 3.13
CA MET D 97 -22.78 10.65 2.51
C MET D 97 -22.72 9.22 2.01
N LEU D 98 -23.30 8.30 2.78
CA LEU D 98 -23.35 6.88 2.41
C LEU D 98 -24.18 6.68 1.16
N GLU D 99 -25.15 7.57 0.95
CA GLU D 99 -25.99 7.52 -0.25
C GLU D 99 -25.21 8.00 -1.47
N LYS D 100 -24.42 9.05 -1.27
CA LYS D 100 -23.53 9.55 -2.32
C LYS D 100 -22.43 8.54 -2.59
N TYR D 101 -22.05 7.82 -1.54
CA TYR D 101 -21.05 6.76 -1.64
C TYR D 101 -21.52 5.64 -2.56
N GLN D 102 -22.83 5.37 -2.53
CA GLN D 102 -23.43 4.35 -3.37
C GLN D 102 -23.50 4.81 -4.82
N GLN D 103 -23.55 6.12 -5.02
CA GLN D 103 -23.60 6.69 -6.37
C GLN D 103 -22.20 6.85 -6.95
N GLY D 104 -21.22 7.03 -6.07
CA GLY D 104 -19.84 7.20 -6.48
C GLY D 104 -19.51 8.64 -6.81
N ASP D 105 -20.08 9.56 -6.03
CA ASP D 105 -19.84 10.98 -6.24
C ASP D 105 -18.42 11.39 -5.88
N PHE D 106 -17.73 10.55 -5.13
CA PHE D 106 -16.39 10.86 -4.64
C PHE D 106 -15.31 10.27 -5.54
N GLY D 107 -15.67 9.27 -6.34
CA GLY D 107 -14.73 8.66 -7.27
C GLY D 107 -14.36 7.24 -6.88
N TYR D 108 -13.47 6.65 -7.66
CA TYR D 108 -13.04 5.27 -7.42
C TYR D 108 -11.53 5.21 -7.20
N CYS D 109 -11.08 4.17 -6.48
CA CYS D 109 -9.68 4.03 -6.12
C CYS D 109 -8.79 3.87 -7.35
N PRO D 110 -7.71 4.68 -7.41
CA PRO D 110 -6.74 4.66 -8.51
C PRO D 110 -6.00 3.32 -8.60
N ARG D 111 -5.83 2.64 -7.48
CA ARG D 111 -5.13 1.37 -7.44
C ARG D 111 -5.83 0.32 -8.30
N VAL D 112 -5.05 -0.39 -9.10
CA VAL D 112 -5.59 -1.38 -10.03
C VAL D 112 -6.23 -2.56 -9.30
N TYR D 113 -5.57 -3.03 -8.25
CA TYR D 113 -6.02 -4.23 -7.56
C TYR D 113 -7.03 -3.93 -6.44
N CYS D 114 -7.52 -2.69 -6.42
CA CYS D 114 -8.68 -2.36 -5.60
C CYS D 114 -9.95 -2.51 -6.44
N GLU D 115 -9.75 -2.57 -7.75
CA GLU D 115 -10.82 -2.80 -8.72
C GLU D 115 -11.93 -1.77 -8.61
N ASN D 116 -11.58 -0.50 -8.82
CA ASN D 116 -12.53 0.61 -8.84
C ASN D 116 -13.41 0.70 -7.61
N GLN D 117 -12.82 0.49 -6.44
CA GLN D 117 -13.54 0.62 -5.18
C GLN D 117 -13.86 2.09 -4.90
N PRO D 118 -15.16 2.41 -4.73
CA PRO D 118 -15.59 3.78 -4.45
C PRO D 118 -15.01 4.31 -3.15
N MET D 119 -14.52 5.55 -3.17
CA MET D 119 -13.83 6.12 -2.03
C MET D 119 -14.69 7.13 -1.28
N LEU D 120 -14.20 7.55 -0.11
CA LEU D 120 -14.85 8.57 0.70
C LEU D 120 -13.95 9.79 0.84
N PRO D 121 -14.57 10.98 0.95
CA PRO D 121 -13.77 12.20 1.12
C PRO D 121 -13.13 12.25 2.50
N ILE D 122 -11.94 12.84 2.59
CA ILE D 122 -11.24 12.92 3.87
C ILE D 122 -10.23 14.06 3.87
N GLY D 123 -10.08 14.70 5.02
CA GLY D 123 -9.08 15.73 5.19
C GLY D 123 -7.91 15.23 5.99
N LEU D 124 -6.70 15.66 5.64
CA LEU D 124 -5.51 15.26 6.36
C LEU D 124 -5.41 16.03 7.68
N SER D 125 -6.01 17.21 7.73
CA SER D 125 -5.99 18.03 8.93
C SER D 125 -7.37 18.65 9.17
N ASP D 126 -7.73 18.82 10.44
CA ASP D 126 -8.99 19.44 10.81
C ASP D 126 -8.84 20.96 10.90
N ILE D 127 -7.65 21.45 10.56
CA ILE D 127 -7.36 22.88 10.58
C ILE D 127 -7.42 23.45 9.17
N PRO D 128 -8.28 24.47 8.96
CA PRO D 128 -8.47 25.10 7.66
C PRO D 128 -7.19 25.72 7.10
N GLY D 129 -7.02 25.64 5.78
CA GLY D 129 -5.88 26.24 5.11
C GLY D 129 -4.55 25.57 5.39
N GLU D 130 -4.60 24.28 5.72
CA GLU D 130 -3.39 23.52 5.97
C GLU D 130 -3.21 22.38 4.96
N ALA D 131 -4.33 21.84 4.48
CA ALA D 131 -4.32 20.78 3.49
C ALA D 131 -5.64 20.70 2.75
N MET D 132 -5.60 20.25 1.50
CA MET D 132 -6.81 20.11 0.69
C MET D 132 -7.48 18.77 0.92
N VAL D 133 -8.69 18.61 0.37
CA VAL D 133 -9.47 17.40 0.55
C VAL D 133 -8.84 16.21 -0.18
N LYS D 134 -8.80 15.07 0.50
CA LYS D 134 -8.28 13.85 -0.09
C LYS D 134 -9.38 12.80 -0.19
N LEU D 135 -9.01 11.60 -0.64
CA LEU D 135 -10.00 10.53 -0.83
C LEU D 135 -9.51 9.23 -0.20
N TYR D 136 -10.39 8.62 0.59
CA TYR D 136 -10.05 7.41 1.34
C TYR D 136 -10.71 6.16 0.77
N CYS D 137 -9.89 5.21 0.32
CA CYS D 137 -10.41 3.93 -0.14
C CYS D 137 -10.50 2.94 1.01
N PRO D 138 -11.72 2.48 1.31
CA PRO D 138 -11.96 1.56 2.43
C PRO D 138 -11.40 0.16 2.18
N LYS D 139 -10.97 -0.11 0.95
CA LYS D 139 -10.44 -1.42 0.61
C LYS D 139 -8.93 -1.51 0.83
N CYS D 140 -8.21 -0.48 0.38
CA CYS D 140 -6.76 -0.45 0.55
C CYS D 140 -6.37 0.38 1.78
N MET D 141 -7.34 1.12 2.31
CA MET D 141 -7.17 1.90 3.54
C MET D 141 -6.02 2.90 3.46
N ASP D 142 -5.93 3.59 2.33
CA ASP D 142 -4.95 4.66 2.17
C ASP D 142 -5.60 5.86 1.48
N VAL D 143 -4.97 7.02 1.62
CA VAL D 143 -5.52 8.26 1.06
C VAL D 143 -4.89 8.61 -0.29
N TYR D 144 -5.68 9.23 -1.16
CA TYR D 144 -5.21 9.56 -2.50
C TYR D 144 -5.56 11.00 -2.89
N THR D 145 -4.84 11.52 -3.88
CA THR D 145 -5.13 12.83 -4.44
C THR D 145 -6.23 12.70 -5.48
N PRO D 146 -7.28 13.54 -5.37
CA PRO D 146 -8.43 13.52 -6.28
C PRO D 146 -8.03 13.53 -7.75
N LYS D 147 -8.76 12.79 -8.58
CA LYS D 147 -8.47 12.69 -10.01
C LYS D 147 -8.56 14.04 -10.70
N SER D 148 -9.76 14.59 -10.76
CA SER D 148 -10.00 15.87 -11.42
C SER D 148 -9.33 17.02 -10.67
N SER D 149 -9.13 18.13 -11.37
CA SER D 149 -8.49 19.31 -10.78
C SER D 149 -9.53 20.18 -10.08
N ARG D 150 -10.80 19.84 -10.27
CA ARG D 150 -11.90 20.54 -9.64
C ARG D 150 -11.79 20.54 -8.13
N HIS D 151 -11.59 19.35 -7.56
CA HIS D 151 -11.57 19.17 -6.11
C HIS D 151 -10.21 19.54 -5.49
N HIS D 152 -9.30 20.05 -6.31
CA HIS D 152 -7.97 20.44 -5.83
C HIS D 152 -7.99 21.80 -5.14
N HIS D 153 -9.17 22.41 -5.06
CA HIS D 153 -9.33 23.69 -4.39
C HIS D 153 -10.46 23.61 -3.36
N THR D 154 -10.36 22.63 -2.47
CA THR D 154 -11.34 22.44 -1.40
C THR D 154 -10.63 21.99 -0.13
N ASP D 155 -10.83 22.75 0.94
CA ASP D 155 -10.15 22.48 2.20
C ASP D 155 -10.57 21.15 2.79
N GLY D 156 -9.61 20.38 3.28
CA GLY D 156 -9.88 19.08 3.87
C GLY D 156 -10.51 19.20 5.25
N ALA D 157 -10.40 20.38 5.84
CA ALA D 157 -10.96 20.64 7.16
C ALA D 157 -12.49 20.67 7.12
N TYR D 158 -13.04 20.74 5.91
CA TYR D 158 -14.48 20.77 5.73
C TYR D 158 -15.06 19.36 5.73
N PHE D 159 -14.21 18.37 5.90
CA PHE D 159 -14.63 16.98 5.91
C PHE D 159 -14.15 16.25 7.15
N GLY D 160 -13.05 16.72 7.73
CA GLY D 160 -12.53 16.14 8.95
C GLY D 160 -11.55 15.00 8.71
N THR D 161 -11.00 14.46 9.79
CA THR D 161 -10.02 13.39 9.70
C THR D 161 -10.61 12.04 10.06
N GLY D 162 -11.76 12.05 10.73
CA GLY D 162 -12.35 10.82 11.23
C GLY D 162 -13.71 10.49 10.65
N PHE D 163 -14.08 11.14 9.56
CA PHE D 163 -15.36 10.87 8.91
C PHE D 163 -15.46 9.45 8.33
N PRO D 164 -14.49 9.03 7.49
CA PRO D 164 -14.65 7.67 6.97
C PRO D 164 -14.49 6.63 8.06
N HIS D 165 -13.71 6.95 9.08
CA HIS D 165 -13.45 6.04 10.19
C HIS D 165 -14.71 5.79 11.01
N ILE D 166 -15.43 6.86 11.32
CA ILE D 166 -16.63 6.76 12.14
C ILE D 166 -17.81 6.19 11.34
N LEU D 167 -17.70 6.24 10.03
CA LEU D 167 -18.74 5.72 9.16
C LEU D 167 -18.84 4.20 9.26
N PHE D 168 -17.67 3.55 9.28
CA PHE D 168 -17.63 2.10 9.37
C PHE D 168 -17.74 1.64 10.82
N MET D 169 -17.68 2.59 11.75
CA MET D 169 -17.94 2.31 13.15
C MET D 169 -19.44 2.03 13.35
N VAL D 170 -20.26 2.84 12.70
CA VAL D 170 -21.71 2.69 12.79
C VAL D 170 -22.23 1.76 11.70
N HIS D 171 -21.46 1.58 10.64
CA HIS D 171 -21.85 0.71 9.54
C HIS D 171 -20.72 -0.23 9.14
N PRO D 172 -20.46 -1.26 9.96
CA PRO D 172 -19.37 -2.21 9.70
C PRO D 172 -19.67 -3.16 8.54
N GLU D 173 -20.91 -3.19 8.09
CA GLU D 173 -21.32 -4.10 7.03
C GLU D 173 -20.87 -3.61 5.65
N TYR D 174 -20.43 -2.36 5.59
CA TYR D 174 -20.00 -1.76 4.33
C TYR D 174 -18.50 -1.86 4.11
N ARG D 175 -17.79 -2.42 5.10
CA ARG D 175 -16.35 -2.62 4.97
C ARG D 175 -16.05 -3.67 3.92
N PRO D 176 -15.39 -3.27 2.82
CA PRO D 176 -15.12 -4.15 1.69
C PRO D 176 -14.13 -5.27 2.05
N LYS D 177 -14.30 -6.44 1.44
CA LYS D 177 -13.34 -7.51 1.59
C LYS D 177 -11.98 -7.08 1.04
N ARG D 178 -10.93 -7.31 1.82
CA ARG D 178 -9.57 -6.97 1.40
C ARG D 178 -9.22 -7.64 0.07
N PRO D 179 -8.45 -6.93 -0.78
CA PRO D 179 -8.13 -7.35 -2.15
C PRO D 179 -7.69 -8.80 -2.26
N ALA D 180 -8.31 -9.53 -3.19
CA ALA D 180 -7.99 -10.94 -3.40
C ALA D 180 -6.69 -11.10 -4.17
N ASN D 181 -6.31 -10.07 -4.92
CA ASN D 181 -5.08 -10.12 -5.70
C ASN D 181 -4.18 -8.91 -5.43
N GLN D 182 -2.91 -9.04 -5.82
CA GLN D 182 -1.95 -7.97 -5.66
C GLN D 182 -1.01 -7.94 -6.86
N PHE D 183 -0.28 -6.84 -7.01
CA PHE D 183 0.66 -6.69 -8.12
C PHE D 183 1.95 -7.46 -7.87
N VAL D 184 2.28 -8.36 -8.80
CA VAL D 184 3.52 -9.12 -8.72
C VAL D 184 4.43 -8.80 -9.90
N PRO D 185 5.59 -8.18 -9.62
CA PRO D 185 6.58 -7.80 -10.63
C PRO D 185 7.06 -8.99 -11.45
N ARG D 186 6.95 -8.90 -12.77
CA ARG D 186 7.38 -9.97 -13.66
C ARG D 186 8.29 -9.45 -14.78
N LEU D 187 9.56 -9.83 -14.73
CA LEU D 187 10.51 -9.47 -15.77
C LEU D 187 10.96 -10.72 -16.52
N TYR D 188 10.58 -10.80 -17.79
CA TYR D 188 10.85 -11.98 -18.62
C TYR D 188 10.32 -13.27 -17.99
N GLY D 189 9.20 -13.14 -17.28
CA GLY D 189 8.56 -14.30 -16.66
C GLY D 189 9.09 -14.61 -15.27
N PHE D 190 10.11 -13.88 -14.84
CA PHE D 190 10.72 -14.10 -13.54
C PHE D 190 10.19 -13.16 -12.46
N LYS D 191 10.10 -13.66 -11.24
CA LYS D 191 9.79 -12.82 -10.09
C LYS D 191 11.01 -11.96 -9.75
N ILE D 192 10.83 -11.01 -8.85
CA ILE D 192 11.95 -10.17 -8.42
C ILE D 192 12.20 -10.31 -6.93
N HIS D 193 13.37 -10.83 -6.58
CA HIS D 193 13.77 -10.99 -5.19
C HIS D 193 13.86 -9.63 -4.51
N PRO D 194 13.37 -9.53 -3.26
CA PRO D 194 13.37 -8.27 -2.50
C PRO D 194 14.76 -7.67 -2.30
N MET D 195 15.80 -8.48 -2.46
CA MET D 195 17.17 -8.01 -2.35
C MET D 195 17.48 -6.98 -3.45
N ALA D 196 16.82 -7.14 -4.59
CA ALA D 196 17.00 -6.23 -5.72
C ALA D 196 16.69 -4.80 -5.34
N TYR D 197 15.59 -4.61 -4.61
CA TYR D 197 15.16 -3.27 -4.21
C TYR D 197 16.07 -2.71 -3.12
N GLN D 198 16.65 -3.59 -2.32
CA GLN D 198 17.57 -3.17 -1.28
C GLN D 198 18.88 -2.68 -1.87
N LEU D 199 19.36 -3.37 -2.91
CA LEU D 199 20.60 -3.00 -3.58
C LEU D 199 20.44 -1.66 -4.32
N GLN D 200 19.27 -1.45 -4.90
CA GLN D 200 18.99 -0.22 -5.64
C GLN D 200 18.94 0.99 -4.71
N LEU D 201 18.44 0.78 -3.50
CA LEU D 201 18.37 1.85 -2.50
C LEU D 201 19.77 2.25 -2.02
N GLN D 202 20.63 1.25 -1.86
CA GLN D 202 22.01 1.51 -1.46
C GLN D 202 22.77 2.24 -2.57
N ALA D 203 22.45 1.90 -3.81
CA ALA D 203 23.04 2.56 -4.97
C ALA D 203 22.50 3.98 -5.11
N ALA D 204 21.27 4.18 -4.65
CA ALA D 204 20.63 5.49 -4.73
C ALA D 204 21.21 6.44 -3.67
N SER D 205 21.72 5.87 -2.59
CA SER D 205 22.31 6.66 -1.52
C SER D 205 23.78 6.98 -1.78
N ASN D 206 24.17 6.93 -3.04
CA ASN D 206 25.55 7.24 -3.44
C ASN D 206 25.60 8.46 -4.35
N PHE D 207 24.45 8.88 -4.84
CA PHE D 207 24.33 10.02 -5.75
C PHE D 207 25.24 9.87 -6.97
MG MG E . 30.25 -12.83 -23.60
MG MG F . 28.35 -14.57 -26.16
PG ACP G . 28.50 -11.33 -26.06
O1G ACP G . 28.66 -10.16 -26.95
O2G ACP G . 28.25 -12.69 -26.89
O3G ACP G . 29.85 -11.60 -25.21
PB ACP G . 26.58 -12.74 -24.16
O1B ACP G . 27.38 -13.91 -24.58
O2B ACP G . 25.03 -12.89 -24.65
C3B ACP G . 27.13 -11.13 -24.87
PA ACP G . 27.40 -13.42 -21.55
O1A ACP G . 26.84 -14.78 -21.38
O2A ACP G . 28.91 -13.47 -22.16
O3A ACP G . 26.53 -12.52 -22.57
O5' ACP G . 27.43 -12.56 -20.19
C5' ACP G . 28.66 -12.11 -19.62
C4' ACP G . 28.38 -11.72 -18.18
O4' ACP G . 27.97 -12.93 -17.53
C3' ACP G . 29.68 -11.36 -17.48
O3' ACP G . 29.79 -9.93 -17.42
C2' ACP G . 29.47 -11.90 -16.07
O2' ACP G . 29.30 -10.80 -15.15
C1' ACP G . 28.17 -12.70 -16.15
N9 ACP G . 28.33 -14.05 -15.57
C8 ACP G . 28.13 -15.17 -16.27
N7 ACP G . 28.35 -16.19 -15.46
C5 ACP G . 28.68 -15.72 -14.26
C6 ACP G . 29.00 -16.34 -13.13
N6 ACP G . 28.98 -17.67 -13.16
N1 ACP G . 29.30 -15.66 -12.01
C2 ACP G . 29.30 -14.26 -12.04
N3 ACP G . 28.97 -13.64 -13.25
C4 ACP G . 28.67 -14.39 -14.32
MG MG H . -26.05 10.98 29.92
MG MG I . -26.76 7.55 29.13
C1 GOL J . -30.28 -20.80 49.28
O1 GOL J . -30.61 -21.27 50.57
C2 GOL J . -31.38 -19.87 48.78
O2 GOL J . -32.01 -19.25 49.88
C3 GOL J . -30.78 -18.80 47.87
O3 GOL J . -31.82 -18.03 47.32
PG ACP K . -27.71 10.17 27.25
O1G ACP K . -28.90 10.55 26.46
O2G ACP K . -27.33 11.28 28.36
O3G ACP K . -27.99 8.81 28.09
PB ACP K . -24.67 9.92 27.17
O1B ACP K . -24.85 10.12 28.63
O2B ACP K . -23.85 11.15 26.52
C3B ACP K . -26.25 9.86 26.20
PA ACP K . -23.43 7.51 27.91
O1A ACP K . -22.30 7.99 28.74
O2A ACP K . -24.75 7.22 28.81
O3A ACP K . -23.87 8.59 26.78
O5' ACP K . -23.12 6.18 27.08
C5' ACP K . -23.94 5.02 27.21
C4' ACP K . -23.22 3.84 26.58
O4' ACP K . -21.99 3.73 27.29
C3' ACP K . -23.96 2.55 26.91
O3' ACP K . -24.69 2.12 25.75
C2' ACP K . -22.83 1.57 27.19
O2' ACP K . -22.82 0.55 26.16
C1' ACP K . -21.56 2.38 27.12
N9 ACP K . -20.68 2.14 28.28
C8 ACP K . -20.39 3.10 29.17
N7 ACP K . -19.60 2.56 30.09
C5 ACP K . -19.41 1.28 29.78
C6 ACP K . -18.69 0.33 30.38
N6 ACP K . -18.06 0.69 31.49
N1 ACP K . -18.63 -0.92 29.90
C2 ACP K . -19.32 -1.23 28.73
N3 ACP K . -20.06 -0.20 28.11
C4 ACP K . -20.09 1.02 28.66
ZN ZN L . 3.40 5.74 -5.28
ZN ZN M . -7.98 1.34 -2.73
#